data_7N73
#
_entry.id   7N73
#
_cell.length_a   1.00
_cell.length_b   1.00
_cell.length_c   1.00
_cell.angle_alpha   90.00
_cell.angle_beta   90.00
_cell.angle_gamma   90.00
#
_symmetry.space_group_name_H-M   'P 1'
#
loop_
_entity.id
_entity.type
_entity.pdbx_description
1 polymer 'Isoform 3 of Polyamine-transporting ATPase 13A2'
2 non-polymer "ADENOSINE-5'-DIPHOSPHATE"
3 non-polymer 'TETRAFLUOROALUMINATE ION'
4 non-polymer 'MAGNESIUM ION'
5 non-polymer 'CHOLESTEROL HEMISUCCINATE'
6 water water
#
_entity_poly.entity_id   1
_entity_poly.type   'polypeptide(L)'
_entity_poly.pdbx_seq_one_letter_code
;MSADSSPLVGSTPTGYGTLTIGTSIDPLSSSVSSVRLSGYCGSPWRVIGYHVVVWMMAGIPLLLFRWKPLWGVRLRLRPC
NLAHAETLVIEIRDKEDSSWQLFTVQVQTEAIGEGSLEPSPQSQAEDGRSQAAVGAVPEGAWKDTAQLHKSEEAKRVLRY
YLFQGQRYIWIETQQAFYQVSLLDHGRSCDDVHRSRHGLSLQDQMVRKAIYGPNVISIPVKSYPQLLVDEALNPYYGFQA
FSIALWLADHYYWYALCIFLISSISICLSLYKTRKQSQTLRDMVKLSMRVCVCRPGGEEEWVDSSELVPGDCLVLPQEGG
LMPCDAALVAGECMVNESSLTGESIPVLKTALPEGLGPYCAETHRRHTLFCGTLILQARAYVGPHVLAVVTRTGFCTAKG
GLVSSILHPRPINFKFYKHSMKFVAALSVLALLGTIYSIFILYRNRVPLNEIVIRALDLVTVVVPPALPAAMTVCTLYAQ
SRLRRQGIFCIHPLRINLGGKLQLVCFDKTGTLTEDGLDVMGVVPLKGQAFLPLVPEPRRLPVGPLLRALATCHALSRLQ
DTPVGDPMDLKMVESTGWVLEEEPAADSAFGTQVLAVMRPPLWEPQLQAMEEPPVPVSVLHRFPFSSALQRMSVVVAWPG
ATQPEAYVKGSPELVAGLCNPETVPTDFAQMLQSYTAAGYRVVALASKPLPTVPSLEAAQQLTRDTVEGDLSLLGLLVMR
NLLKPQTTPVIQALRRTRIRAVMVTGDNLQTAVTVARGCGMVAPQEHLIIVHATHPERGQPASLEFLPMESPTAVNGVKD
PDQAASYTVEPDPRSRHLALSGPTFGIIVKHFPKLLPKVLVQGTVFARMAPEQKTELVCELQKLQYCVGMCGDGANDCGA
LKAADVGISLSQAEASVVSPFTSSMASIECVPMVIREGRCSLDTSFSVFKYMALYSLTQFISVLILYTINTNLGDLQFLA
IDLVITTTVAVLMSRTGPALVLGRVRPPGALLSVPVLSSLLLQMVLVTGVQLGGYFLTLAQPWFVPLNRTVAAPDNLPNY
ENTVVFSLSSFQYLILAAAVSKGAPFRRPLYTNVPFLVALALLSSVLVGLVLVPGLLQGPLALRNITDTGFKLLLLGLVT
LNFVGAFMLESVLDQCLPACLRRLRPKRASKKRFKQLERELAEQPWPPLPAGPLR
;
_entity_poly.pdbx_strand_id   A
#
loop_
_chem_comp.id
_chem_comp.type
_chem_comp.name
_chem_comp.formula
ADP non-polymer ADENOSINE-5'-DIPHOSPHATE 'C10 H15 N5 O10 P2'
ALF non-polymer 'TETRAFLUOROALUMINATE ION' 'Al F4 -1'
MG non-polymer 'MAGNESIUM ION' 'Mg 2'
Y01 non-polymer 'CHOLESTEROL HEMISUCCINATE' 'C31 H50 O4'
#
# COMPACT_ATOMS: atom_id res chain seq x y z
N SER A 34 -9.42 -19.93 9.11
CA SER A 34 -9.94 -21.27 8.86
C SER A 34 -10.38 -21.44 7.42
N VAL A 35 -10.24 -22.66 6.90
CA VAL A 35 -10.57 -22.95 5.50
C VAL A 35 -11.34 -24.26 5.43
N ARG A 36 -12.03 -24.45 4.30
CA ARG A 36 -12.80 -25.66 4.06
C ARG A 36 -12.93 -25.88 2.56
N LEU A 37 -13.02 -27.16 2.18
CA LEU A 37 -13.15 -27.56 0.80
C LEU A 37 -14.56 -28.08 0.52
N SER A 38 -14.84 -28.29 -0.75
CA SER A 38 -16.12 -28.85 -1.19
C SER A 38 -15.95 -29.44 -2.58
N GLY A 39 -16.02 -30.75 -2.68
CA GLY A 39 -15.72 -31.46 -3.92
C GLY A 39 -16.98 -31.79 -4.69
N TYR A 40 -16.95 -31.55 -6.00
CA TYR A 40 -18.08 -31.79 -6.89
C TYR A 40 -17.59 -32.59 -8.09
N CYS A 41 -17.88 -33.88 -8.11
CA CYS A 41 -17.48 -34.73 -9.22
C CYS A 41 -18.31 -34.43 -10.46
N GLY A 42 -17.66 -34.50 -11.62
CA GLY A 42 -18.28 -34.09 -12.87
C GLY A 42 -19.52 -34.88 -13.26
N SER A 43 -20.51 -34.18 -13.82
CA SER A 43 -21.73 -34.79 -14.33
C SER A 43 -22.27 -33.93 -15.47
N PRO A 44 -22.41 -34.45 -16.69
CA PRO A 44 -22.77 -33.58 -17.82
C PRO A 44 -24.23 -33.17 -17.84
N TRP A 45 -25.14 -34.07 -17.41
CA TRP A 45 -26.56 -33.73 -17.42
C TRP A 45 -26.83 -32.49 -16.58
N ARG A 46 -26.27 -32.44 -15.38
CA ARG A 46 -26.48 -31.29 -14.51
C ARG A 46 -25.89 -30.02 -15.13
N VAL A 47 -24.75 -30.15 -15.81
CA VAL A 47 -24.11 -29.00 -16.43
C VAL A 47 -25.02 -28.44 -17.53
N ILE A 48 -25.56 -29.32 -18.38
CA ILE A 48 -26.37 -28.82 -19.47
C ILE A 48 -27.68 -28.24 -18.91
N GLY A 49 -28.22 -28.84 -17.84
CA GLY A 49 -29.39 -28.27 -17.21
C GLY A 49 -29.13 -26.87 -16.67
N TYR A 50 -28.00 -26.69 -16.00
CA TYR A 50 -27.60 -25.36 -15.53
C TYR A 50 -27.51 -24.38 -16.68
N HIS A 51 -26.82 -24.78 -17.76
CA HIS A 51 -26.65 -23.88 -18.90
C HIS A 51 -27.99 -23.46 -19.47
N VAL A 52 -28.86 -24.42 -19.75
CA VAL A 52 -30.13 -24.08 -20.37
C VAL A 52 -30.96 -23.21 -19.43
N VAL A 53 -31.00 -23.56 -18.14
CA VAL A 53 -31.82 -22.80 -17.19
C VAL A 53 -31.36 -21.35 -17.15
N VAL A 54 -30.05 -21.13 -16.95
CA VAL A 54 -29.57 -19.76 -16.73
C VAL A 54 -29.43 -18.99 -18.03
N TRP A 55 -29.50 -19.65 -19.19
CA TRP A 55 -29.44 -18.94 -20.45
C TRP A 55 -30.84 -18.59 -20.96
N MET A 56 -31.77 -19.54 -20.93
CA MET A 56 -33.12 -19.27 -21.40
C MET A 56 -33.91 -18.44 -20.39
N MET A 57 -33.74 -18.72 -19.10
CA MET A 57 -34.58 -18.05 -18.10
C MET A 57 -34.39 -16.54 -18.13
N ALA A 58 -33.20 -16.08 -17.77
CA ALA A 58 -32.90 -14.66 -17.72
C ALA A 58 -31.44 -14.48 -17.30
N GLY A 59 -30.99 -13.23 -17.31
CA GLY A 59 -29.66 -12.91 -16.82
C GLY A 59 -29.64 -12.64 -15.33
N ILE A 60 -30.82 -12.38 -14.75
CA ILE A 60 -30.90 -12.16 -13.31
C ILE A 60 -30.33 -13.33 -12.53
N PRO A 61 -30.63 -14.59 -12.87
CA PRO A 61 -29.95 -15.68 -12.16
C PRO A 61 -28.44 -15.59 -12.25
N LEU A 62 -27.91 -15.16 -13.39
CA LEU A 62 -26.46 -14.96 -13.51
C LEU A 62 -26.01 -13.85 -12.56
N LEU A 63 -26.78 -12.78 -12.46
CA LEU A 63 -26.42 -11.68 -11.56
C LEU A 63 -26.35 -12.15 -10.12
N LEU A 64 -27.36 -12.89 -9.67
CA LEU A 64 -27.37 -13.31 -8.28
C LEU A 64 -26.34 -14.42 -8.05
N PHE A 65 -26.00 -15.19 -9.09
CA PHE A 65 -24.94 -16.19 -8.97
C PHE A 65 -23.59 -15.51 -8.77
N ARG A 66 -23.27 -14.52 -9.60
CA ARG A 66 -22.04 -13.76 -9.40
C ARG A 66 -22.09 -12.98 -8.09
N TRP A 67 -23.29 -12.72 -7.55
CA TRP A 67 -23.39 -12.18 -6.20
C TRP A 67 -23.28 -13.28 -5.15
N LYS A 68 -23.95 -14.41 -5.38
CA LYS A 68 -23.93 -15.55 -4.47
C LYS A 68 -23.56 -16.79 -5.27
N PRO A 69 -22.27 -17.12 -5.39
CA PRO A 69 -21.86 -18.20 -6.30
C PRO A 69 -22.02 -19.59 -5.69
N LEU A 70 -22.24 -19.67 -4.38
CA LEU A 70 -22.44 -20.97 -3.75
C LEU A 70 -23.66 -21.66 -4.35
N TRP A 71 -24.75 -20.92 -4.55
CA TRP A 71 -25.92 -21.50 -5.19
C TRP A 71 -25.58 -21.95 -6.60
N GLY A 72 -24.81 -21.14 -7.33
CA GLY A 72 -24.45 -21.51 -8.69
C GLY A 72 -23.68 -22.81 -8.76
N VAL A 73 -22.72 -22.99 -7.85
CA VAL A 73 -21.92 -24.21 -7.88
C VAL A 73 -22.78 -25.39 -7.44
N ARG A 74 -23.63 -25.21 -6.42
CA ARG A 74 -24.48 -26.30 -5.98
C ARG A 74 -25.42 -26.74 -7.10
N LEU A 75 -25.97 -25.79 -7.85
CA LEU A 75 -26.85 -26.13 -8.96
C LEU A 75 -26.07 -26.78 -10.10
N ARG A 76 -24.87 -26.27 -10.38
CA ARG A 76 -24.12 -26.77 -11.53
C ARG A 76 -23.77 -28.23 -11.38
N LEU A 77 -23.44 -28.67 -10.18
CA LEU A 77 -22.91 -30.01 -9.97
C LEU A 77 -23.11 -30.44 -8.54
N ARG A 78 -23.08 -31.76 -8.33
CA ARG A 78 -23.39 -32.35 -7.04
C ARG A 78 -22.17 -32.32 -6.12
N PRO A 79 -22.35 -32.05 -4.83
CA PRO A 79 -21.27 -32.29 -3.87
C PRO A 79 -20.84 -33.75 -3.91
N CYS A 80 -19.54 -33.99 -3.80
CA CYS A 80 -18.97 -35.32 -3.94
C CYS A 80 -17.81 -35.49 -2.98
N ASN A 81 -17.28 -36.72 -2.95
CA ASN A 81 -16.19 -37.05 -2.05
C ASN A 81 -14.95 -36.22 -2.43
N LEU A 82 -14.20 -35.79 -1.42
CA LEU A 82 -13.04 -34.96 -1.66
C LEU A 82 -12.03 -35.66 -2.56
N ALA A 83 -11.81 -36.96 -2.34
CA ALA A 83 -10.91 -37.71 -3.21
C ALA A 83 -11.42 -37.75 -4.63
N HIS A 84 -12.73 -37.89 -4.80
CA HIS A 84 -13.36 -37.84 -6.11
C HIS A 84 -13.70 -36.43 -6.56
N ALA A 85 -13.29 -35.43 -5.79
CA ALA A 85 -13.60 -34.05 -6.14
C ALA A 85 -12.98 -33.68 -7.48
N GLU A 86 -13.74 -32.98 -8.30
CA GLU A 86 -13.25 -32.40 -9.54
C GLU A 86 -13.30 -30.88 -9.52
N THR A 87 -13.82 -30.29 -8.46
CA THR A 87 -13.85 -28.84 -8.31
C THR A 87 -14.06 -28.51 -6.85
N LEU A 88 -13.35 -27.51 -6.37
CA LEU A 88 -13.31 -27.19 -4.96
C LEU A 88 -13.78 -25.76 -4.73
N VAL A 89 -14.40 -25.53 -3.58
CA VAL A 89 -14.85 -24.21 -3.16
C VAL A 89 -14.12 -23.85 -1.88
N ILE A 90 -13.47 -22.69 -1.88
CA ILE A 90 -12.55 -22.29 -0.82
C ILE A 90 -13.19 -21.18 -0.01
N GLU A 91 -13.34 -21.39 1.29
CA GLU A 91 -13.78 -20.38 2.23
C GLU A 91 -12.64 -20.05 3.17
N ILE A 92 -12.48 -18.78 3.51
CA ILE A 92 -11.34 -18.28 4.26
C ILE A 92 -11.78 -17.52 5.48
N TRP A 100 -17.57 -14.80 4.58
CA TRP A 100 -16.77 -15.81 3.92
C TRP A 100 -16.68 -15.54 2.43
N GLN A 101 -15.54 -15.87 1.82
CA GLN A 101 -15.34 -15.75 0.39
C GLN A 101 -15.22 -17.15 -0.20
N LEU A 102 -15.89 -17.36 -1.33
CA LEU A 102 -15.92 -18.66 -1.98
C LEU A 102 -15.13 -18.60 -3.29
N PHE A 103 -14.15 -19.46 -3.44
CA PHE A 103 -13.38 -19.56 -4.68
C PHE A 103 -13.50 -20.95 -5.28
N THR A 104 -13.51 -21.05 -6.59
CA THR A 104 -13.64 -22.34 -7.26
C THR A 104 -12.33 -22.69 -7.96
N VAL A 105 -11.79 -23.86 -7.66
CA VAL A 105 -10.52 -24.31 -8.23
C VAL A 105 -10.69 -25.69 -8.83
N GLN A 106 -10.20 -25.86 -10.05
CA GLN A 106 -10.19 -27.17 -10.70
C GLN A 106 -9.06 -28.04 -10.17
N VAL A 107 -9.35 -29.32 -9.94
CA VAL A 107 -8.38 -30.26 -9.41
C VAL A 107 -7.69 -30.93 -10.59
N GLN A 108 -6.53 -30.41 -10.96
CA GLN A 108 -5.84 -30.85 -12.17
C GLN A 108 -5.13 -32.18 -11.94
N THR A 109 -4.83 -32.87 -13.03
CA THR A 109 -4.13 -34.15 -12.99
C THR A 109 -2.93 -34.09 -13.93
N GLU A 110 -1.81 -34.65 -13.49
CA GLU A 110 -0.58 -34.64 -14.27
C GLU A 110 0.14 -35.99 -14.18
N VAL A 157 -1.74 -39.74 -12.65
CA VAL A 157 -1.31 -40.43 -11.44
C VAL A 157 -1.30 -39.41 -10.28
N LEU A 158 -0.87 -38.19 -10.58
CA LEU A 158 -0.75 -37.13 -9.58
C LEU A 158 -1.70 -36.00 -9.95
N ARG A 159 -2.51 -35.57 -8.99
CA ARG A 159 -3.46 -34.48 -9.17
C ARG A 159 -3.25 -33.46 -8.07
N TYR A 160 -3.50 -32.19 -8.39
CA TYR A 160 -3.24 -31.09 -7.48
C TYR A 160 -4.30 -30.02 -7.72
N TYR A 161 -4.05 -28.82 -7.18
CA TYR A 161 -4.90 -27.68 -7.46
C TYR A 161 -4.19 -26.43 -6.97
N LEU A 162 -4.25 -25.37 -7.78
CA LEU A 162 -3.55 -24.12 -7.51
C LEU A 162 -4.54 -23.10 -6.98
N PHE A 163 -4.28 -22.59 -5.77
CA PHE A 163 -5.07 -21.51 -5.20
C PHE A 163 -4.13 -20.36 -4.86
N GLN A 164 -4.36 -19.21 -5.48
CA GLN A 164 -3.53 -18.03 -5.26
C GLN A 164 -2.05 -18.34 -5.51
N GLY A 165 -1.79 -19.13 -6.55
CA GLY A 165 -0.44 -19.46 -6.93
C GLY A 165 0.25 -20.51 -6.08
N GLN A 166 -0.48 -21.15 -5.15
CA GLN A 166 0.10 -22.13 -4.24
C GLN A 166 -0.37 -23.52 -4.64
N ARG A 167 0.57 -24.39 -4.98
CA ARG A 167 0.22 -25.76 -5.30
C ARG A 167 -0.28 -26.50 -4.08
N TYR A 168 -1.27 -27.35 -4.28
CA TYR A 168 -1.70 -28.34 -3.29
C TYR A 168 -1.84 -29.66 -4.01
N ILE A 169 -1.04 -30.65 -3.63
CA ILE A 169 -1.05 -31.94 -4.33
C ILE A 169 -1.98 -32.89 -3.61
N TRP A 170 -2.38 -33.96 -4.29
CA TRP A 170 -3.29 -34.96 -3.72
C TRP A 170 -2.46 -35.93 -2.89
N ILE A 171 -2.41 -35.69 -1.59
CA ILE A 171 -1.68 -36.56 -0.68
C ILE A 171 -2.51 -37.82 -0.48
N GLU A 172 -2.14 -38.89 -1.21
CA GLU A 172 -2.98 -40.08 -1.26
C GLU A 172 -3.15 -40.70 0.12
N THR A 173 -2.05 -40.81 0.88
CA THR A 173 -2.11 -41.50 2.16
C THR A 173 -3.06 -40.81 3.13
N GLN A 174 -3.00 -39.48 3.20
CA GLN A 174 -3.83 -38.72 4.15
C GLN A 174 -5.17 -38.32 3.54
N GLN A 175 -5.42 -38.62 2.26
CA GLN A 175 -6.71 -38.34 1.63
C GLN A 175 -7.07 -36.85 1.77
N ALA A 176 -6.09 -35.98 1.50
CA ALA A 176 -6.30 -34.55 1.64
C ALA A 176 -5.27 -33.82 0.79
N PHE A 177 -5.46 -32.51 0.69
CA PHE A 177 -4.60 -31.64 -0.11
C PHE A 177 -3.74 -30.81 0.84
N TYR A 178 -2.44 -31.13 0.90
CA TYR A 178 -1.47 -30.38 1.68
C TYR A 178 -0.62 -29.53 0.76
N GLN A 179 -0.41 -28.27 1.17
CA GLN A 179 0.41 -27.35 0.39
C GLN A 179 1.79 -27.92 0.18
N VAL A 180 2.34 -27.73 -1.03
CA VAL A 180 3.68 -28.23 -1.31
C VAL A 180 4.72 -27.55 -0.43
N SER A 181 4.41 -26.38 0.13
CA SER A 181 5.33 -25.74 1.05
C SER A 181 5.69 -26.63 2.22
N LEU A 182 4.82 -27.56 2.58
CA LEU A 182 5.01 -28.39 3.75
C LEU A 182 5.56 -29.78 3.42
N LEU A 183 5.77 -30.09 2.13
CA LEU A 183 6.17 -31.45 1.77
C LEU A 183 7.53 -31.81 2.33
N ASP A 184 8.54 -30.98 2.08
CA ASP A 184 9.89 -31.20 2.59
C ASP A 184 10.14 -30.48 3.90
N HIS A 185 9.12 -29.84 4.47
CA HIS A 185 9.31 -29.04 5.66
C HIS A 185 9.79 -29.89 6.82
N GLY A 186 10.66 -29.30 7.65
CA GLY A 186 11.12 -29.92 8.87
C GLY A 186 12.38 -30.74 8.74
N ARG A 187 12.89 -30.96 7.53
CA ARG A 187 14.09 -31.78 7.37
C ARG A 187 15.29 -31.07 7.97
N SER A 188 16.16 -31.85 8.61
CA SER A 188 17.21 -31.28 9.43
C SER A 188 18.29 -30.64 8.54
N CYS A 189 19.10 -29.78 9.16
CA CYS A 189 20.25 -29.22 8.46
C CYS A 189 21.14 -30.32 7.93
N ASP A 190 21.31 -31.39 8.70
CA ASP A 190 22.08 -32.53 8.24
C ASP A 190 21.44 -33.15 7.00
N ASP A 191 20.11 -33.11 6.90
CA ASP A 191 19.45 -33.59 5.70
C ASP A 191 19.81 -32.76 4.49
N VAL A 192 19.86 -31.43 4.66
CA VAL A 192 20.29 -30.56 3.57
C VAL A 192 21.72 -30.88 3.18
N HIS A 193 22.60 -31.06 4.16
CA HIS A 193 23.98 -31.39 3.84
C HIS A 193 24.10 -32.75 3.18
N ARG A 194 23.17 -33.66 3.45
CA ARG A 194 23.13 -34.92 2.73
C ARG A 194 22.71 -34.71 1.29
N SER A 195 21.68 -33.90 1.07
CA SER A 195 21.28 -33.53 -0.29
C SER A 195 22.39 -32.77 -1.01
N ARG A 196 23.34 -32.23 -0.25
CA ARG A 196 24.46 -31.45 -0.80
C ARG A 196 24.95 -31.95 -2.14
N HIS A 197 25.14 -33.27 -2.27
CA HIS A 197 25.77 -33.79 -3.47
C HIS A 197 24.95 -33.49 -4.72
N GLY A 198 23.64 -33.69 -4.64
CA GLY A 198 22.79 -33.42 -5.78
C GLY A 198 21.51 -34.21 -5.72
N LEU A 199 20.71 -34.03 -6.77
CA LEU A 199 19.41 -34.69 -6.92
C LEU A 199 19.43 -35.60 -8.14
N SER A 200 19.02 -36.85 -7.96
CA SER A 200 18.96 -37.79 -9.07
C SER A 200 18.01 -37.30 -10.16
N LEU A 201 18.42 -37.48 -11.41
CA LEU A 201 17.64 -36.95 -12.52
C LEU A 201 16.23 -37.54 -12.55
N GLN A 202 16.11 -38.84 -12.31
CA GLN A 202 14.78 -39.44 -12.20
C GLN A 202 14.00 -38.82 -11.05
N ASP A 203 14.66 -38.65 -9.90
CA ASP A 203 14.01 -37.96 -8.80
C ASP A 203 13.74 -36.51 -9.16
N GLN A 204 14.59 -35.90 -9.98
CA GLN A 204 14.35 -34.52 -10.40
C GLN A 204 13.06 -34.40 -11.19
N MET A 205 12.84 -35.31 -12.15
CA MET A 205 11.62 -35.24 -12.94
C MET A 205 10.41 -35.69 -12.14
N VAL A 206 10.60 -36.56 -11.15
CA VAL A 206 9.51 -36.93 -10.26
C VAL A 206 9.09 -35.73 -9.42
N ARG A 207 10.06 -34.90 -9.01
CA ARG A 207 9.78 -33.77 -8.14
C ARG A 207 9.32 -32.54 -8.90
N LYS A 208 9.67 -32.42 -10.18
CA LYS A 208 9.22 -31.26 -10.95
C LYS A 208 7.71 -31.23 -11.08
N ALA A 209 7.08 -32.40 -11.25
CA ALA A 209 5.62 -32.46 -11.27
C ALA A 209 5.05 -32.03 -9.92
N ILE A 210 5.63 -32.51 -8.83
CA ILE A 210 5.10 -32.22 -7.51
C ILE A 210 5.19 -30.73 -7.22
N TYR A 211 6.36 -30.14 -7.41
CA TYR A 211 6.57 -28.74 -7.06
C TYR A 211 6.29 -27.79 -8.22
N GLY A 212 6.22 -28.31 -9.44
CA GLY A 212 5.96 -27.47 -10.60
C GLY A 212 7.21 -26.75 -11.04
N PRO A 213 7.15 -26.11 -12.19
CA PRO A 213 8.33 -25.36 -12.67
C PRO A 213 8.68 -24.22 -11.74
N ASN A 214 9.98 -23.97 -11.60
CA ASN A 214 10.47 -22.89 -10.76
C ASN A 214 10.35 -21.56 -11.51
N VAL A 215 9.11 -21.10 -11.61
CA VAL A 215 8.80 -19.84 -12.29
C VAL A 215 7.64 -19.18 -11.59
N ILE A 216 7.88 -18.01 -11.00
CA ILE A 216 6.79 -17.18 -10.53
C ILE A 216 6.10 -16.61 -11.77
N SER A 217 4.95 -17.15 -12.12
CA SER A 217 4.29 -16.85 -13.39
C SER A 217 3.11 -15.93 -13.14
N ILE A 218 3.14 -14.75 -13.76
CA ILE A 218 1.99 -13.85 -13.81
C ILE A 218 1.31 -14.07 -15.15
N PRO A 219 0.11 -14.64 -15.20
CA PRO A 219 -0.48 -14.99 -16.50
C PRO A 219 -0.60 -13.77 -17.41
N VAL A 220 -0.30 -13.99 -18.69
CA VAL A 220 -0.35 -12.92 -19.69
C VAL A 220 -1.64 -13.15 -20.48
N LYS A 221 -2.72 -12.50 -20.05
CA LYS A 221 -4.01 -12.66 -20.70
C LYS A 221 -4.00 -12.00 -22.07
N SER A 222 -4.52 -12.72 -23.06
CA SER A 222 -4.67 -12.15 -24.38
C SER A 222 -5.64 -10.98 -24.34
N TYR A 223 -5.40 -9.98 -25.20
CA TYR A 223 -6.26 -8.80 -25.22
C TYR A 223 -7.73 -9.15 -25.29
N PRO A 224 -8.18 -10.05 -26.16
CA PRO A 224 -9.58 -10.48 -26.10
C PRO A 224 -9.98 -11.02 -24.75
N GLN A 225 -9.08 -11.74 -24.07
CA GLN A 225 -9.42 -12.24 -22.74
C GLN A 225 -9.66 -11.10 -21.77
N LEU A 226 -8.83 -10.06 -21.83
CA LEU A 226 -9.06 -8.90 -20.98
C LEU A 226 -10.37 -8.20 -21.33
N LEU A 227 -10.64 -8.01 -22.62
CA LEU A 227 -11.90 -7.42 -23.03
C LEU A 227 -13.08 -8.21 -22.48
N VAL A 228 -12.99 -9.53 -22.50
CA VAL A 228 -14.00 -10.35 -21.85
C VAL A 228 -14.07 -10.06 -20.36
N ASP A 229 -12.91 -9.89 -19.74
CA ASP A 229 -12.88 -9.63 -18.30
C ASP A 229 -13.67 -8.37 -17.96
N GLU A 230 -13.48 -7.30 -18.72
CA GLU A 230 -14.19 -6.04 -18.47
C GLU A 230 -15.59 -6.00 -19.06
N ALA A 231 -15.74 -6.45 -20.30
CA ALA A 231 -17.04 -6.32 -20.96
C ALA A 231 -18.15 -7.01 -20.19
N LEU A 232 -17.85 -8.15 -19.56
CA LEU A 232 -18.87 -8.90 -18.84
C LEU A 232 -19.38 -8.18 -17.60
N ASN A 233 -18.88 -6.99 -17.30
CA ASN A 233 -19.43 -6.21 -16.21
C ASN A 233 -20.92 -5.97 -16.45
N PRO A 234 -21.79 -6.15 -15.45
CA PRO A 234 -23.20 -5.83 -15.66
C PRO A 234 -23.44 -4.37 -16.03
N TYR A 235 -22.54 -3.47 -15.64
CA TYR A 235 -22.67 -2.07 -16.04
C TYR A 235 -22.61 -1.95 -17.56
N TYR A 236 -21.60 -2.57 -18.18
CA TYR A 236 -21.52 -2.53 -19.63
C TYR A 236 -22.64 -3.34 -20.28
N GLY A 237 -23.16 -4.34 -19.58
CA GLY A 237 -24.35 -5.01 -20.09
C GLY A 237 -25.53 -4.08 -20.19
N PHE A 238 -25.74 -3.28 -19.14
CA PHE A 238 -26.80 -2.27 -19.19
C PHE A 238 -26.52 -1.24 -20.27
N GLN A 239 -25.26 -0.87 -20.45
CA GLN A 239 -24.93 0.08 -21.51
C GLN A 239 -25.26 -0.50 -22.89
N ALA A 240 -24.98 -1.78 -23.10
CA ALA A 240 -25.33 -2.42 -24.36
C ALA A 240 -26.85 -2.47 -24.53
N PHE A 241 -27.56 -2.76 -23.45
CA PHE A 241 -29.02 -2.71 -23.50
C PHE A 241 -29.50 -1.33 -23.91
N SER A 242 -28.90 -0.28 -23.34
CA SER A 242 -29.24 1.08 -23.73
C SER A 242 -28.96 1.34 -25.20
N ILE A 243 -27.82 0.85 -25.68
CA ILE A 243 -27.48 1.03 -27.09
C ILE A 243 -28.57 0.41 -27.96
N ALA A 244 -28.96 -0.82 -27.63
CA ALA A 244 -30.01 -1.49 -28.40
C ALA A 244 -31.32 -0.72 -28.33
N LEU A 245 -31.68 -0.25 -27.13
CA LEU A 245 -32.93 0.47 -26.96
C LEU A 245 -32.96 1.74 -27.78
N TRP A 246 -31.86 2.49 -27.78
CA TRP A 246 -31.84 3.75 -28.51
C TRP A 246 -31.77 3.52 -30.01
N LEU A 247 -31.04 2.49 -30.45
CA LEU A 247 -31.04 2.16 -31.87
C LEU A 247 -32.43 1.77 -32.34
N ALA A 248 -33.17 1.01 -31.52
CA ALA A 248 -34.52 0.63 -31.89
C ALA A 248 -35.41 1.85 -32.07
N ASP A 249 -35.10 2.95 -31.39
CA ASP A 249 -35.87 4.17 -31.48
C ASP A 249 -35.35 5.13 -32.54
N HIS A 250 -34.38 4.72 -33.34
CA HIS A 250 -33.83 5.54 -34.40
C HIS A 250 -33.06 6.74 -33.83
N TYR A 251 -32.30 6.50 -32.78
CA TYR A 251 -31.34 7.48 -32.26
C TYR A 251 -29.95 6.89 -32.49
N TYR A 252 -29.45 7.09 -33.71
CA TYR A 252 -28.19 6.46 -34.10
C TYR A 252 -27.00 7.18 -33.50
N TRP A 253 -27.01 8.51 -33.49
CA TRP A 253 -25.89 9.25 -32.94
C TRP A 253 -25.76 9.03 -31.44
N TYR A 254 -26.89 8.98 -30.73
CA TYR A 254 -26.83 8.72 -29.29
C TYR A 254 -26.32 7.31 -29.02
N ALA A 255 -26.73 6.34 -29.83
CA ALA A 255 -26.21 4.99 -29.67
C ALA A 255 -24.71 4.95 -29.92
N LEU A 256 -24.25 5.67 -30.95
CA LEU A 256 -22.81 5.76 -31.19
C LEU A 256 -22.10 6.40 -30.00
N CYS A 257 -22.71 7.42 -29.40
CA CYS A 257 -22.11 8.07 -28.24
C CYS A 257 -21.99 7.10 -27.08
N ILE A 258 -23.05 6.33 -26.82
CA ILE A 258 -23.00 5.34 -25.75
C ILE A 258 -21.90 4.33 -26.02
N PHE A 259 -21.83 3.85 -27.26
CA PHE A 259 -20.81 2.86 -27.60
C PHE A 259 -19.41 3.43 -27.43
N LEU A 260 -19.19 4.68 -27.85
CA LEU A 260 -17.87 5.28 -27.75
C LEU A 260 -17.48 5.49 -26.29
N ILE A 261 -18.41 5.94 -25.45
CA ILE A 261 -18.07 6.16 -24.05
C ILE A 261 -17.79 4.83 -23.36
N SER A 262 -18.59 3.81 -23.65
CA SER A 262 -18.34 2.49 -23.07
C SER A 262 -17.00 1.95 -23.55
N SER A 263 -16.68 2.14 -24.83
CA SER A 263 -15.38 1.72 -25.34
C SER A 263 -14.23 2.44 -24.66
N ILE A 264 -14.39 3.73 -24.42
CA ILE A 264 -13.35 4.48 -23.72
C ILE A 264 -13.17 3.94 -22.31
N SER A 265 -14.28 3.67 -21.62
CA SER A 265 -14.18 3.13 -20.27
C SER A 265 -13.48 1.78 -20.28
N ILE A 266 -13.85 0.90 -21.22
CA ILE A 266 -13.24 -0.42 -21.30
C ILE A 266 -11.76 -0.30 -21.62
N CYS A 267 -11.40 0.60 -22.54
CA CYS A 267 -10.00 0.76 -22.90
C CYS A 267 -9.18 1.32 -21.75
N LEU A 268 -9.76 2.23 -20.97
CA LEU A 268 -9.05 2.73 -19.80
C LEU A 268 -8.86 1.65 -18.75
N SER A 269 -9.88 0.81 -18.54
CA SER A 269 -9.71 -0.33 -17.64
C SER A 269 -8.64 -1.28 -18.13
N LEU A 270 -8.62 -1.53 -19.44
CA LEU A 270 -7.56 -2.36 -20.03
C LEU A 270 -6.20 -1.75 -19.76
N TYR A 271 -6.06 -0.44 -19.96
CA TYR A 271 -4.78 0.21 -19.72
C TYR A 271 -4.36 0.06 -18.26
N LYS A 272 -5.29 0.27 -17.35
CA LYS A 272 -4.98 0.13 -15.92
C LYS A 272 -4.48 -1.27 -15.61
N THR A 273 -5.27 -2.27 -15.99
CA THR A 273 -4.91 -3.65 -15.68
C THR A 273 -3.61 -4.07 -16.35
N ARG A 274 -3.45 -3.71 -17.62
CA ARG A 274 -2.24 -4.08 -18.34
C ARG A 274 -1.02 -3.40 -17.74
N LYS A 275 -1.15 -2.15 -17.32
CA LYS A 275 -0.01 -1.47 -16.71
C LYS A 275 0.38 -2.13 -15.40
N GLN A 276 -0.60 -2.45 -14.56
CA GLN A 276 -0.27 -3.12 -13.30
C GLN A 276 0.36 -4.48 -13.55
N SER A 277 -0.21 -5.27 -14.45
CA SER A 277 0.35 -6.57 -14.78
C SER A 277 1.75 -6.46 -15.36
N GLN A 278 1.99 -5.44 -16.18
CA GLN A 278 3.31 -5.25 -16.75
C GLN A 278 4.31 -4.89 -15.65
N THR A 279 3.91 -4.03 -14.72
CA THR A 279 4.79 -3.72 -13.60
C THR A 279 5.19 -4.98 -12.87
N LEU A 280 4.21 -5.80 -12.47
CA LEU A 280 4.51 -7.02 -11.72
C LEU A 280 5.36 -7.97 -12.55
N ARG A 281 4.98 -8.20 -13.81
CA ARG A 281 5.70 -9.14 -14.66
C ARG A 281 7.15 -8.72 -14.82
N ASP A 282 7.38 -7.44 -15.13
CA ASP A 282 8.76 -6.96 -15.28
C ASP A 282 9.50 -7.03 -13.96
N MET A 283 8.78 -6.91 -12.85
CA MET A 283 9.41 -7.09 -11.55
C MET A 283 9.91 -8.52 -11.37
N VAL A 284 9.13 -9.50 -11.84
CA VAL A 284 9.44 -10.90 -11.53
C VAL A 284 9.92 -11.65 -12.78
N LYS A 285 10.52 -10.95 -13.74
CA LYS A 285 11.24 -11.64 -14.81
C LYS A 285 12.42 -12.42 -14.25
N LEU A 286 12.65 -13.60 -14.82
CA LEU A 286 13.88 -14.36 -14.57
C LEU A 286 14.00 -15.43 -15.63
N SER A 287 15.08 -15.40 -16.40
CA SER A 287 15.34 -16.43 -17.40
C SER A 287 16.85 -16.57 -17.51
N MET A 288 17.39 -17.64 -16.94
CA MET A 288 18.83 -17.84 -16.91
C MET A 288 19.10 -19.34 -16.82
N ARG A 289 20.33 -19.71 -17.15
CA ARG A 289 20.76 -21.10 -17.09
C ARG A 289 21.77 -21.24 -15.96
N VAL A 290 21.46 -22.09 -14.99
CA VAL A 290 22.28 -22.33 -13.82
C VAL A 290 22.71 -23.78 -13.79
N CYS A 291 24.00 -24.02 -13.68
CA CYS A 291 24.49 -25.39 -13.59
C CYS A 291 24.08 -25.99 -12.26
N VAL A 292 23.83 -27.30 -12.28
CA VAL A 292 23.37 -28.04 -11.09
C VAL A 292 24.32 -29.21 -10.84
N CYS A 293 24.72 -29.38 -9.59
CA CYS A 293 25.64 -30.44 -9.19
C CYS A 293 24.88 -31.76 -9.17
N ARG A 294 24.68 -32.32 -10.36
CA ARG A 294 23.97 -33.58 -10.47
C ARG A 294 24.76 -34.68 -9.76
N PRO A 295 24.09 -35.62 -9.08
CA PRO A 295 24.82 -36.67 -8.36
C PRO A 295 25.81 -37.39 -9.24
N GLY A 296 26.73 -38.10 -8.60
CA GLY A 296 27.80 -38.79 -9.29
C GLY A 296 29.06 -37.97 -9.49
N GLY A 297 29.05 -36.69 -9.10
CA GLY A 297 30.19 -35.83 -9.25
C GLY A 297 30.19 -35.01 -10.52
N GLU A 298 29.35 -35.35 -11.49
CA GLU A 298 29.28 -34.60 -12.74
C GLU A 298 28.42 -33.34 -12.54
N GLU A 299 28.22 -32.60 -13.63
CA GLU A 299 27.46 -31.36 -13.61
C GLU A 299 26.48 -31.36 -14.77
N GLU A 300 25.72 -30.27 -14.86
CA GLU A 300 24.72 -30.13 -15.93
C GLU A 300 24.22 -28.70 -15.93
N TRP A 301 24.10 -28.12 -17.13
CA TRP A 301 23.61 -26.76 -17.30
C TRP A 301 22.14 -26.83 -17.66
N VAL A 302 21.30 -26.38 -16.72
CA VAL A 302 19.85 -26.45 -16.87
C VAL A 302 19.27 -25.04 -16.72
N ASP A 303 18.10 -24.85 -17.32
CA ASP A 303 17.41 -23.58 -17.20
C ASP A 303 16.96 -23.36 -15.76
N SER A 304 16.81 -22.08 -15.39
CA SER A 304 16.44 -21.75 -14.02
C SER A 304 15.07 -22.26 -13.64
N SER A 305 14.23 -22.62 -14.61
CA SER A 305 12.90 -23.11 -14.34
C SER A 305 12.84 -24.61 -14.07
N GLU A 306 13.94 -25.32 -14.27
CA GLU A 306 14.01 -26.75 -14.01
C GLU A 306 14.37 -27.08 -12.57
N LEU A 307 14.66 -26.08 -11.75
CA LEU A 307 15.11 -26.35 -10.39
C LEU A 307 13.94 -26.80 -9.52
N VAL A 308 14.23 -27.71 -8.59
CA VAL A 308 13.25 -28.15 -7.59
C VAL A 308 13.94 -28.30 -6.25
N PRO A 309 13.19 -28.10 -5.17
CA PRO A 309 13.80 -28.20 -3.85
C PRO A 309 14.58 -29.50 -3.70
N GLY A 310 15.79 -29.39 -3.17
CA GLY A 310 16.72 -30.49 -3.09
C GLY A 310 17.69 -30.55 -4.24
N ASP A 311 17.38 -29.92 -5.36
CA ASP A 311 18.34 -29.80 -6.45
C ASP A 311 19.49 -28.91 -6.01
N CYS A 312 20.70 -29.28 -6.43
CA CYS A 312 21.91 -28.63 -5.94
C CYS A 312 22.37 -27.55 -6.91
N LEU A 313 22.59 -26.36 -6.37
CA LEU A 313 23.09 -25.22 -7.14
C LEU A 313 24.59 -25.09 -6.92
N VAL A 314 25.32 -24.89 -8.02
CA VAL A 314 26.70 -24.45 -7.95
C VAL A 314 26.70 -22.97 -8.36
N LEU A 315 27.21 -22.13 -7.49
CA LEU A 315 27.06 -20.70 -7.74
C LEU A 315 28.24 -20.15 -8.51
N PRO A 316 28.01 -19.16 -9.38
CA PRO A 316 29.13 -18.59 -10.14
C PRO A 316 30.04 -17.75 -9.25
N GLN A 317 31.34 -17.95 -9.41
CA GLN A 317 32.31 -17.26 -8.55
C GLN A 317 32.16 -15.76 -8.68
N GLU A 318 32.07 -15.25 -9.91
CA GLU A 318 31.89 -13.82 -10.12
C GLU A 318 30.52 -13.34 -9.65
N GLY A 319 29.54 -14.23 -9.56
CA GLY A 319 28.25 -13.90 -9.03
C GLY A 319 27.20 -13.67 -10.11
N GLY A 320 25.94 -13.79 -9.72
CA GLY A 320 24.83 -13.58 -10.62
C GLY A 320 23.53 -13.62 -9.85
N LEU A 321 22.46 -13.25 -10.55
CA LEU A 321 21.15 -13.20 -9.90
C LEU A 321 20.76 -14.58 -9.41
N MET A 322 20.17 -14.64 -8.22
CA MET A 322 19.86 -15.91 -7.57
C MET A 322 18.48 -16.38 -8.02
N PRO A 323 18.36 -17.56 -8.65
CA PRO A 323 17.06 -17.92 -9.24
C PRO A 323 16.06 -18.52 -8.26
N CYS A 324 16.47 -19.01 -7.10
CA CYS A 324 15.53 -19.62 -6.18
C CYS A 324 16.10 -19.57 -4.77
N ASP A 325 15.20 -19.62 -3.78
CA ASP A 325 15.63 -19.74 -2.41
C ASP A 325 16.48 -20.98 -2.24
N ALA A 326 17.58 -20.85 -1.51
CA ALA A 326 18.53 -21.95 -1.37
C ALA A 326 19.23 -21.82 -0.04
N ALA A 327 19.97 -22.87 0.31
CA ALA A 327 20.83 -22.89 1.48
C ALA A 327 22.27 -23.09 1.02
N LEU A 328 23.19 -22.45 1.72
CA LEU A 328 24.61 -22.56 1.42
C LEU A 328 25.16 -23.77 2.15
N VAL A 329 25.35 -24.87 1.42
CA VAL A 329 25.99 -26.04 2.02
C VAL A 329 27.45 -25.76 2.31
N ALA A 330 28.16 -25.15 1.36
CA ALA A 330 29.58 -24.89 1.50
C ALA A 330 29.94 -23.60 0.78
N GLY A 331 30.68 -22.74 1.47
CA GLY A 331 31.17 -21.50 0.90
C GLY A 331 30.63 -20.28 1.63
N GLU A 332 31.07 -19.12 1.16
CA GLU A 332 30.62 -17.83 1.66
C GLU A 332 30.21 -16.96 0.49
N CYS A 333 29.16 -16.17 0.69
CA CYS A 333 28.55 -15.40 -0.39
C CYS A 333 28.21 -14.00 0.07
N MET A 334 28.56 -13.02 -0.76
CA MET A 334 28.14 -11.64 -0.58
C MET A 334 26.95 -11.38 -1.50
N VAL A 335 25.82 -11.00 -0.93
CA VAL A 335 24.57 -10.87 -1.66
C VAL A 335 23.94 -9.52 -1.39
N ASN A 336 23.30 -8.96 -2.41
CA ASN A 336 22.62 -7.67 -2.32
C ASN A 336 21.13 -7.93 -2.28
N GLU A 337 20.55 -7.87 -1.08
CA GLU A 337 19.14 -8.17 -0.87
C GLU A 337 18.26 -6.95 -1.01
N SER A 338 18.69 -5.95 -1.79
CA SER A 338 17.91 -4.72 -1.91
C SER A 338 16.53 -5.01 -2.48
N SER A 339 16.44 -5.87 -3.49
CA SER A 339 15.17 -6.12 -4.13
C SER A 339 14.19 -6.74 -3.13
N LEU A 340 14.66 -7.67 -2.31
CA LEU A 340 13.78 -8.38 -1.39
C LEU A 340 13.42 -7.53 -0.18
N THR A 341 14.36 -6.75 0.35
CA THR A 341 14.16 -5.99 1.57
C THR A 341 14.43 -4.50 1.45
N GLY A 342 15.04 -4.04 0.36
CA GLY A 342 15.33 -2.64 0.19
C GLY A 342 16.62 -2.16 0.81
N GLU A 343 17.37 -3.03 1.46
CA GLU A 343 18.66 -2.67 2.06
C GLU A 343 19.75 -2.90 1.02
N SER A 344 20.36 -1.81 0.56
CA SER A 344 21.38 -1.90 -0.49
C SER A 344 22.72 -2.39 0.04
N ILE A 345 22.97 -2.30 1.35
CA ILE A 345 24.27 -2.72 1.87
C ILE A 345 24.46 -4.21 1.63
N PRO A 346 25.57 -4.64 1.03
CA PRO A 346 25.77 -6.08 0.84
C PRO A 346 25.72 -6.83 2.16
N VAL A 347 25.12 -8.01 2.11
CA VAL A 347 24.95 -8.87 3.28
C VAL A 347 25.88 -10.06 3.16
N LEU A 348 26.37 -10.54 4.30
CA LEU A 348 27.24 -11.69 4.32
C LEU A 348 26.44 -12.97 4.47
N LYS A 349 26.70 -13.95 3.62
CA LYS A 349 26.03 -15.24 3.66
C LYS A 349 27.07 -16.32 3.87
N THR A 350 26.76 -17.28 4.76
CA THR A 350 27.74 -18.29 5.14
C THR A 350 27.11 -19.67 4.95
N ALA A 351 27.97 -20.69 4.92
CA ALA A 351 27.49 -22.05 4.74
C ALA A 351 26.63 -22.48 5.91
N LEU A 352 25.70 -23.39 5.62
CA LEU A 352 24.77 -23.85 6.65
C LEU A 352 25.52 -24.71 7.67
N PRO A 353 25.23 -24.54 8.97
CA PRO A 353 25.95 -25.32 9.98
C PRO A 353 25.31 -26.69 10.14
N GLU A 354 26.13 -27.74 10.04
CA GLU A 354 25.63 -29.09 10.21
C GLU A 354 25.04 -29.26 11.60
N GLY A 355 23.88 -29.91 11.67
CA GLY A 355 23.22 -30.14 12.94
C GLY A 355 21.96 -30.94 12.75
N LEU A 356 21.54 -31.60 13.82
CA LEU A 356 20.33 -32.41 13.81
C LEU A 356 19.11 -31.60 14.24
N GLY A 357 18.93 -30.44 13.60
CA GLY A 357 17.78 -29.60 13.83
C GLY A 357 17.13 -29.17 12.54
N PRO A 358 15.85 -28.88 12.58
CA PRO A 358 15.14 -28.55 11.34
C PRO A 358 15.72 -27.32 10.67
N TYR A 359 15.83 -27.37 9.35
CA TYR A 359 16.23 -26.19 8.59
C TYR A 359 15.09 -25.19 8.57
N CYS A 360 15.45 -23.89 8.68
CA CYS A 360 14.44 -22.87 8.71
C CYS A 360 15.01 -21.61 8.05
N ALA A 361 14.28 -21.08 7.07
CA ALA A 361 14.72 -19.87 6.39
C ALA A 361 14.70 -18.66 7.30
N GLU A 362 13.99 -18.74 8.44
CA GLU A 362 13.98 -17.62 9.37
C GLU A 362 15.12 -17.77 10.39
N THR A 363 15.24 -18.94 11.04
CA THR A 363 16.35 -19.17 11.95
C THR A 363 17.69 -19.09 11.23
N HIS A 364 17.79 -19.74 10.07
CA HIS A 364 19.02 -19.78 9.29
C HIS A 364 19.01 -18.76 8.16
N ARG A 365 18.34 -17.62 8.37
CA ARG A 365 18.27 -16.61 7.33
C ARG A 365 19.65 -16.21 6.83
N ARG A 366 20.64 -16.18 7.75
CA ARG A 366 21.99 -15.82 7.35
C ARG A 366 22.66 -16.89 6.51
N HIS A 367 22.14 -18.10 6.49
CA HIS A 367 22.72 -19.19 5.72
C HIS A 367 21.97 -19.48 4.43
N THR A 368 20.91 -18.74 4.13
CA THR A 368 20.04 -19.03 3.01
C THR A 368 20.06 -17.87 2.02
N LEU A 369 20.36 -18.17 0.76
CA LEU A 369 20.17 -17.22 -0.30
C LEU A 369 18.70 -17.13 -0.66
N PHE A 370 18.26 -15.95 -1.08
CA PHE A 370 16.87 -15.71 -1.43
C PHE A 370 16.74 -15.51 -2.93
N CYS A 371 15.51 -15.60 -3.40
CA CYS A 371 15.21 -15.52 -4.82
C CYS A 371 15.07 -14.05 -5.24
N GLY A 372 15.72 -13.69 -6.34
CA GLY A 372 15.66 -12.34 -6.85
C GLY A 372 16.74 -11.42 -6.33
N THR A 373 17.52 -11.86 -5.34
CA THR A 373 18.62 -11.07 -4.82
C THR A 373 19.88 -11.32 -5.65
N LEU A 374 20.75 -10.32 -5.69
CA LEU A 374 21.93 -10.35 -6.52
C LEU A 374 23.12 -10.87 -5.71
N ILE A 375 23.81 -11.88 -6.26
CA ILE A 375 25.02 -12.41 -5.65
C ILE A 375 26.18 -11.59 -6.17
N LEU A 376 26.65 -10.64 -5.35
CA LEU A 376 27.74 -9.78 -5.77
C LEU A 376 29.00 -10.58 -6.06
N GLN A 377 29.41 -11.42 -5.11
CA GLN A 377 30.55 -12.30 -5.32
C GLN A 377 30.62 -13.34 -4.21
N ALA A 378 30.80 -14.60 -4.58
CA ALA A 378 30.90 -15.69 -3.63
C ALA A 378 32.13 -16.53 -3.94
N ARG A 379 32.78 -17.01 -2.89
CA ARG A 379 33.98 -17.81 -3.02
C ARG A 379 33.87 -19.04 -2.13
N ALA A 380 34.56 -20.10 -2.52
CA ALA A 380 34.52 -21.37 -1.81
C ALA A 380 35.74 -21.50 -0.92
N TYR A 381 35.52 -21.60 0.40
CA TYR A 381 36.62 -21.86 1.31
C TYR A 381 37.25 -23.22 1.01
N VAL A 382 36.43 -24.24 0.81
CA VAL A 382 36.87 -25.59 0.53
C VAL A 382 36.11 -26.13 -0.67
N GLY A 383 36.83 -26.73 -1.62
CA GLY A 383 36.23 -27.28 -2.81
C GLY A 383 36.35 -26.33 -3.98
N PRO A 384 36.28 -26.87 -5.20
CA PRO A 384 36.47 -26.00 -6.38
C PRO A 384 35.44 -24.92 -6.52
N HIS A 385 34.19 -25.16 -6.14
CA HIS A 385 33.12 -24.23 -6.41
C HIS A 385 32.17 -24.16 -5.20
N VAL A 386 31.41 -23.06 -5.14
CA VAL A 386 30.47 -22.86 -4.06
C VAL A 386 29.19 -23.64 -4.41
N LEU A 387 28.69 -24.40 -3.44
CA LEU A 387 27.50 -25.22 -3.62
C LEU A 387 26.36 -24.68 -2.77
N ALA A 388 25.15 -24.73 -3.33
CA ALA A 388 23.93 -24.41 -2.60
C ALA A 388 22.85 -25.40 -3.01
N VAL A 389 21.85 -25.55 -2.15
CA VAL A 389 20.77 -26.50 -2.37
C VAL A 389 19.45 -25.76 -2.34
N VAL A 390 18.64 -25.94 -3.39
CA VAL A 390 17.35 -25.26 -3.48
C VAL A 390 16.42 -25.80 -2.41
N THR A 391 15.69 -24.90 -1.76
CA THR A 391 14.70 -25.29 -0.76
C THR A 391 13.28 -24.89 -1.14
N ARG A 392 13.10 -23.76 -1.82
CA ARG A 392 11.79 -23.29 -2.22
C ARG A 392 11.87 -22.76 -3.64
N THR A 393 10.87 -23.09 -4.45
CA THR A 393 10.82 -22.64 -5.84
C THR A 393 9.45 -22.07 -6.13
N GLY A 394 9.32 -21.45 -7.30
CA GLY A 394 8.04 -20.88 -7.69
C GLY A 394 7.56 -19.86 -6.69
N PHE A 395 6.29 -19.96 -6.34
CA PHE A 395 5.70 -19.02 -5.39
C PHE A 395 6.04 -19.33 -3.95
N CYS A 396 6.66 -20.48 -3.68
CA CYS A 396 7.04 -20.81 -2.31
C CYS A 396 8.07 -19.83 -1.77
N THR A 397 8.88 -19.26 -2.64
CA THR A 397 9.97 -18.40 -2.20
C THR A 397 9.43 -17.13 -1.53
N ALA A 398 10.31 -16.46 -0.79
CA ALA A 398 9.92 -15.21 -0.15
C ALA A 398 9.51 -14.17 -1.19
N LYS A 399 10.29 -14.06 -2.26
CA LYS A 399 9.88 -13.23 -3.38
C LYS A 399 8.53 -13.68 -3.91
N GLY A 400 8.34 -14.99 -4.04
CA GLY A 400 7.05 -15.50 -4.46
C GLY A 400 5.94 -15.17 -3.47
N GLY A 401 6.24 -15.24 -2.18
CA GLY A 401 5.23 -14.88 -1.19
C GLY A 401 4.82 -13.42 -1.30
N LEU A 402 5.79 -12.53 -1.47
CA LEU A 402 5.46 -11.11 -1.63
C LEU A 402 4.67 -10.86 -2.90
N VAL A 403 5.06 -11.53 -4.00
CA VAL A 403 4.35 -11.34 -5.25
C VAL A 403 2.91 -11.85 -5.12
N SER A 404 2.73 -12.99 -4.44
CA SER A 404 1.39 -13.51 -4.23
C SER A 404 0.56 -12.55 -3.39
N SER A 405 1.18 -11.95 -2.36
CA SER A 405 0.44 -11.02 -1.52
C SER A 405 0.01 -9.80 -2.37
N ILE A 406 0.87 -9.35 -3.28
CA ILE A 406 0.48 -8.26 -4.17
C ILE A 406 -0.67 -8.69 -5.09
N LEU A 407 -0.57 -9.90 -5.65
CA LEU A 407 -1.60 -10.34 -6.59
C LEU A 407 -2.96 -10.44 -5.92
N HIS A 408 -3.00 -10.89 -4.67
CA HIS A 408 -4.24 -11.10 -3.92
C HIS A 408 -4.13 -10.32 -2.62
N PRO A 409 -4.23 -9.00 -2.69
CA PRO A 409 -4.03 -8.17 -1.49
C PRO A 409 -5.12 -8.40 -0.47
N ARG A 410 -4.78 -8.19 0.79
CA ARG A 410 -5.77 -8.28 1.85
C ARG A 410 -6.82 -7.19 1.63
N PRO A 411 -8.11 -7.47 1.86
CA PRO A 411 -9.13 -6.45 1.64
C PRO A 411 -8.88 -5.22 2.49
N ILE A 412 -9.15 -4.05 1.90
CA ILE A 412 -9.04 -2.80 2.63
C ILE A 412 -10.27 -2.66 3.54
N ASN A 413 -10.05 -2.70 4.85
CA ASN A 413 -11.16 -2.66 5.79
C ASN A 413 -11.92 -1.34 5.70
N PHE A 414 -11.21 -0.22 5.54
CA PHE A 414 -11.89 1.07 5.42
C PHE A 414 -12.72 1.11 4.15
N LYS A 415 -13.92 1.68 4.27
CA LYS A 415 -14.80 1.91 3.12
C LYS A 415 -14.89 3.42 2.94
N PHE A 416 -14.26 3.93 1.88
CA PHE A 416 -14.03 5.37 1.76
C PHE A 416 -15.34 6.14 1.66
N TYR A 417 -16.28 5.65 0.87
CA TYR A 417 -17.53 6.36 0.60
C TYR A 417 -18.63 5.71 1.42
N LYS A 418 -18.77 6.17 2.65
CA LYS A 418 -19.77 5.61 3.55
C LYS A 418 -21.17 5.80 2.97
N HIS A 419 -22.03 4.82 3.20
CA HIS A 419 -23.42 4.88 2.74
C HIS A 419 -23.50 5.08 1.23
N SER A 420 -22.62 4.42 0.49
CA SER A 420 -22.66 4.55 -0.98
C SER A 420 -23.97 3.96 -1.51
N MET A 421 -24.36 2.78 -1.00
CA MET A 421 -25.61 2.16 -1.41
C MET A 421 -26.80 3.04 -1.07
N LYS A 422 -26.80 3.62 0.14
CA LYS A 422 -27.90 4.49 0.53
C LYS A 422 -27.94 5.76 -0.30
N PHE A 423 -26.78 6.28 -0.70
CA PHE A 423 -26.77 7.48 -1.55
C PHE A 423 -27.31 7.18 -2.93
N VAL A 424 -26.87 6.07 -3.53
CA VAL A 424 -27.39 5.73 -4.85
C VAL A 424 -28.89 5.41 -4.71
N ALA A 425 -29.33 4.95 -3.54
CA ALA A 425 -30.76 4.72 -3.33
C ALA A 425 -31.52 6.04 -3.22
N ALA A 426 -30.91 7.04 -2.57
CA ALA A 426 -31.55 8.36 -2.49
C ALA A 426 -31.62 9.02 -3.86
N LEU A 427 -30.70 8.67 -4.75
CA LEU A 427 -30.80 9.12 -6.14
C LEU A 427 -31.85 8.30 -6.90
N SER A 428 -31.92 7.00 -6.64
CA SER A 428 -32.83 6.14 -7.37
C SER A 428 -34.28 6.39 -6.98
N VAL A 429 -34.53 6.83 -5.76
CA VAL A 429 -35.91 7.20 -5.40
C VAL A 429 -36.37 8.37 -6.23
N LEU A 430 -35.50 9.38 -6.40
CA LEU A 430 -35.84 10.50 -7.29
C LEU A 430 -36.03 10.02 -8.72
N ALA A 431 -35.14 9.14 -9.18
CA ALA A 431 -35.27 8.63 -10.54
C ALA A 431 -36.59 7.90 -10.74
N LEU A 432 -36.99 7.11 -9.75
CA LEU A 432 -38.23 6.36 -9.84
C LEU A 432 -39.45 7.28 -9.77
N LEU A 433 -39.41 8.28 -8.91
CA LEU A 433 -40.49 9.27 -8.89
C LEU A 433 -40.64 9.94 -10.24
N GLY A 434 -39.52 10.35 -10.83
CA GLY A 434 -39.59 10.98 -12.13
C GLY A 434 -40.07 10.03 -13.21
N THR A 435 -39.70 8.76 -13.12
CA THR A 435 -40.16 7.78 -14.11
C THR A 435 -41.66 7.60 -13.99
N ILE A 436 -42.19 7.51 -12.75
CA ILE A 436 -43.62 7.39 -12.56
C ILE A 436 -44.33 8.62 -13.12
N TYR A 437 -43.78 9.81 -12.85
CA TYR A 437 -44.37 11.03 -13.39
C TYR A 437 -44.36 11.02 -14.91
N SER A 438 -43.25 10.56 -15.50
CA SER A 438 -43.16 10.48 -16.96
C SER A 438 -44.23 9.56 -17.51
N ILE A 439 -44.41 8.40 -16.89
CA ILE A 439 -45.44 7.47 -17.35
C ILE A 439 -46.81 8.11 -17.23
N PHE A 440 -47.07 8.80 -16.13
CA PHE A 440 -48.36 9.43 -15.92
C PHE A 440 -48.64 10.47 -17.00
N ILE A 441 -47.67 11.35 -17.26
CA ILE A 441 -47.89 12.39 -18.27
C ILE A 441 -48.05 11.77 -19.65
N LEU A 442 -47.21 10.80 -20.00
CA LEU A 442 -47.33 10.18 -21.31
C LEU A 442 -48.69 9.51 -21.48
N TYR A 443 -49.22 8.94 -20.41
CA TYR A 443 -50.61 8.47 -20.44
C TYR A 443 -51.56 9.62 -20.65
N ARG A 444 -51.33 10.74 -19.97
CA ARG A 444 -52.23 11.87 -20.07
C ARG A 444 -52.28 12.43 -21.50
N ASN A 445 -51.12 12.51 -22.15
CA ASN A 445 -51.06 12.96 -23.53
C ASN A 445 -51.55 11.91 -24.51
N ARG A 446 -52.07 10.78 -24.02
CA ARG A 446 -52.58 9.71 -24.88
C ARG A 446 -51.49 9.23 -25.84
N VAL A 447 -50.45 8.66 -25.24
CA VAL A 447 -49.34 8.05 -25.99
C VAL A 447 -49.60 6.55 -26.05
N PRO A 448 -49.41 5.90 -27.20
CA PRO A 448 -49.68 4.46 -27.26
C PRO A 448 -48.78 3.69 -26.30
N LEU A 449 -49.33 2.58 -25.78
CA LEU A 449 -48.59 1.80 -24.79
C LEU A 449 -47.28 1.26 -25.33
N ASN A 450 -47.19 1.06 -26.65
CA ASN A 450 -45.93 0.62 -27.24
C ASN A 450 -44.85 1.67 -27.04
N GLU A 451 -45.22 2.95 -27.11
CA GLU A 451 -44.28 4.05 -26.99
C GLU A 451 -44.11 4.53 -25.56
N ILE A 452 -45.13 4.39 -24.72
CA ILE A 452 -45.01 4.81 -23.32
C ILE A 452 -43.89 4.03 -22.64
N VAL A 453 -43.91 2.70 -22.81
CA VAL A 453 -42.89 1.87 -22.17
C VAL A 453 -41.52 2.18 -22.73
N ILE A 454 -41.43 2.38 -24.05
CA ILE A 454 -40.15 2.71 -24.65
C ILE A 454 -39.59 4.00 -24.09
N ARG A 455 -40.43 5.01 -23.96
CA ARG A 455 -39.95 6.32 -23.48
C ARG A 455 -39.59 6.26 -22.01
N ALA A 456 -40.37 5.55 -21.20
CA ALA A 456 -40.00 5.39 -19.79
C ALA A 456 -38.70 4.63 -19.64
N LEU A 457 -38.50 3.59 -20.46
CA LEU A 457 -37.25 2.85 -20.46
C LEU A 457 -36.08 3.73 -20.87
N ASP A 458 -36.30 4.59 -21.86
CA ASP A 458 -35.27 5.55 -22.25
C ASP A 458 -34.92 6.46 -21.08
N LEU A 459 -35.94 6.98 -20.40
CA LEU A 459 -35.69 7.81 -19.23
C LEU A 459 -34.88 7.07 -18.18
N VAL A 460 -35.19 5.79 -17.98
CA VAL A 460 -34.39 4.97 -17.06
C VAL A 460 -32.94 4.92 -17.49
N THR A 461 -32.69 4.70 -18.78
CA THR A 461 -31.32 4.65 -19.26
C THR A 461 -30.61 5.98 -19.09
N VAL A 462 -31.36 7.09 -19.09
CA VAL A 462 -30.73 8.41 -18.98
C VAL A 462 -29.92 8.51 -17.70
N VAL A 463 -30.49 8.08 -16.57
CA VAL A 463 -29.90 8.37 -15.27
C VAL A 463 -28.66 7.56 -14.99
N VAL A 464 -28.32 6.58 -15.83
CA VAL A 464 -27.08 5.81 -15.69
C VAL A 464 -26.03 6.49 -16.55
N PRO A 465 -25.00 7.10 -15.96
CA PRO A 465 -24.00 7.81 -16.78
C PRO A 465 -23.08 6.82 -17.48
N PRO A 466 -23.01 6.87 -18.81
CA PRO A 466 -22.08 5.97 -19.50
C PRO A 466 -20.63 6.17 -19.11
N ALA A 467 -20.26 7.38 -18.67
CA ALA A 467 -18.87 7.75 -18.46
C ALA A 467 -18.43 7.65 -17.01
N LEU A 468 -19.28 7.14 -16.12
CA LEU A 468 -18.89 7.05 -14.71
C LEU A 468 -17.68 6.16 -14.52
N PRO A 469 -17.62 4.94 -15.05
CA PRO A 469 -16.41 4.12 -14.86
C PRO A 469 -15.16 4.79 -15.41
N ALA A 470 -15.27 5.44 -16.56
CA ALA A 470 -14.13 6.15 -17.11
C ALA A 470 -13.68 7.25 -16.18
N ALA A 471 -14.63 7.99 -15.61
CA ALA A 471 -14.28 9.06 -14.68
C ALA A 471 -13.51 8.51 -13.48
N MET A 472 -14.01 7.41 -12.90
CA MET A 472 -13.34 6.86 -11.73
C MET A 472 -11.94 6.36 -12.08
N THR A 473 -11.82 5.62 -13.17
CA THR A 473 -10.52 5.04 -13.51
C THR A 473 -9.54 6.18 -13.84
N VAL A 474 -10.00 7.24 -14.52
CA VAL A 474 -9.12 8.35 -14.84
C VAL A 474 -8.70 9.07 -13.57
N CYS A 475 -9.60 9.18 -12.60
CA CYS A 475 -9.22 9.77 -11.32
C CYS A 475 -8.07 9.00 -10.70
N THR A 476 -8.20 7.68 -10.64
CA THR A 476 -7.15 6.86 -10.03
C THR A 476 -5.85 6.98 -10.83
N LEU A 477 -5.95 6.96 -12.16
CA LEU A 477 -4.75 7.07 -12.99
C LEU A 477 -4.04 8.39 -12.77
N TYR A 478 -4.78 9.49 -12.69
CA TYR A 478 -4.18 10.79 -12.46
C TYR A 478 -3.49 10.82 -11.10
N ALA A 479 -4.16 10.29 -10.07
CA ALA A 479 -3.54 10.26 -8.75
C ALA A 479 -2.22 9.49 -8.79
N GLN A 480 -2.23 8.32 -9.40
CA GLN A 480 -1.02 7.50 -9.47
C GLN A 480 0.08 8.22 -10.25
N SER A 481 -0.28 8.88 -11.36
CA SER A 481 0.71 9.59 -12.15
C SER A 481 1.32 10.74 -11.37
N ARG A 482 0.50 11.48 -10.61
CA ARG A 482 1.02 12.56 -9.79
C ARG A 482 2.00 12.03 -8.76
N LEU A 483 1.62 10.95 -8.08
CA LEU A 483 2.53 10.37 -7.09
C LEU A 483 3.83 9.92 -7.73
N ARG A 484 3.75 9.24 -8.87
CA ARG A 484 4.95 8.78 -9.54
C ARG A 484 5.85 9.95 -9.94
N ARG A 485 5.25 11.03 -10.44
CA ARG A 485 6.04 12.20 -10.81
C ARG A 485 6.73 12.78 -9.59
N GLN A 486 6.06 12.78 -8.44
CA GLN A 486 6.69 13.25 -7.22
C GLN A 486 7.80 12.31 -6.74
N GLY A 487 7.90 11.11 -7.30
CA GLY A 487 8.88 10.14 -6.88
C GLY A 487 8.37 9.05 -5.96
N ILE A 488 7.06 8.95 -5.77
CA ILE A 488 6.45 7.97 -4.88
C ILE A 488 5.70 6.97 -5.75
N PHE A 489 5.97 5.68 -5.54
CA PHE A 489 5.39 4.62 -6.34
C PHE A 489 4.49 3.75 -5.47
N CYS A 490 3.25 3.58 -5.91
CA CYS A 490 2.27 2.75 -5.19
C CYS A 490 1.97 1.51 -6.01
N ILE A 491 2.03 0.35 -5.36
CA ILE A 491 1.74 -0.89 -6.06
C ILE A 491 0.24 -1.14 -6.10
N HIS A 492 -0.48 -0.82 -5.03
CA HIS A 492 -1.93 -0.91 -4.98
C HIS A 492 -2.50 0.50 -5.02
N PRO A 493 -3.01 0.97 -6.17
CA PRO A 493 -3.53 2.34 -6.22
C PRO A 493 -4.67 2.59 -5.25
N LEU A 494 -5.37 1.55 -4.81
CA LEU A 494 -6.47 1.76 -3.87
C LEU A 494 -5.99 2.29 -2.53
N ARG A 495 -4.71 2.10 -2.20
CA ARG A 495 -4.17 2.63 -0.96
C ARG A 495 -3.97 4.14 -1.02
N ILE A 496 -4.03 4.74 -2.20
CA ILE A 496 -3.85 6.19 -2.30
C ILE A 496 -4.94 6.91 -1.52
N ASN A 497 -6.19 6.44 -1.65
CA ASN A 497 -7.27 7.04 -0.88
C ASN A 497 -7.02 6.86 0.62
N LEU A 498 -6.58 5.68 1.03
CA LEU A 498 -6.22 5.47 2.43
C LEU A 498 -5.20 6.49 2.90
N GLY A 499 -4.26 6.84 2.02
CA GLY A 499 -3.22 7.76 2.39
C GLY A 499 -3.74 9.07 2.94
N GLY A 500 -4.88 9.53 2.43
CA GLY A 500 -5.46 10.77 2.91
C GLY A 500 -6.23 10.64 4.20
N LYS A 501 -6.48 9.42 4.67
CA LYS A 501 -7.21 9.18 5.90
C LYS A 501 -6.30 8.88 7.08
N LEU A 502 -4.99 9.07 6.92
CA LEU A 502 -4.07 8.77 8.00
C LEU A 502 -4.37 9.65 9.21
N GLN A 503 -4.39 9.02 10.38
CA GLN A 503 -4.52 9.72 11.64
C GLN A 503 -3.31 9.57 12.53
N LEU A 504 -2.38 8.69 12.17
CA LEU A 504 -1.20 8.43 12.98
C LEU A 504 -0.11 7.88 12.05
N VAL A 505 1.11 8.39 12.22
CA VAL A 505 2.24 7.97 11.40
C VAL A 505 3.36 7.53 12.32
N CYS A 506 3.84 6.30 12.13
CA CYS A 506 4.95 5.75 12.90
C CYS A 506 6.23 5.89 12.10
N PHE A 507 7.28 6.43 12.72
CA PHE A 507 8.54 6.71 12.06
C PHE A 507 9.66 5.92 12.71
N ASP A 508 10.42 5.22 11.89
CA ASP A 508 11.71 4.71 12.34
C ASP A 508 12.66 5.88 12.55
N LYS A 509 13.53 5.76 13.56
CA LYS A 509 14.42 6.88 13.86
C LYS A 509 15.64 6.87 12.96
N THR A 510 16.45 5.83 13.03
CA THR A 510 17.73 5.84 12.34
C THR A 510 17.54 5.64 10.85
N GLY A 511 18.11 6.54 10.06
CA GLY A 511 18.03 6.47 8.62
C GLY A 511 16.76 7.02 8.02
N THR A 512 15.75 7.33 8.83
CA THR A 512 14.52 7.93 8.36
C THR A 512 14.34 9.35 8.86
N LEU A 513 14.38 9.55 10.18
CA LEU A 513 14.41 10.89 10.75
C LEU A 513 15.82 11.44 10.80
N THR A 514 16.80 10.59 11.08
CA THR A 514 18.18 10.99 11.19
C THR A 514 18.97 10.51 9.97
N GLU A 515 20.15 11.09 9.78
CA GLU A 515 20.97 10.74 8.63
C GLU A 515 21.39 9.28 8.71
N ASP A 516 21.59 8.67 7.53
CA ASP A 516 22.17 7.34 7.48
C ASP A 516 23.59 7.34 8.02
N GLY A 517 24.35 8.39 7.71
CA GLY A 517 25.74 8.43 8.10
C GLY A 517 25.91 8.77 9.57
N LEU A 518 27.02 8.30 10.14
CA LEU A 518 27.38 8.53 11.52
C LEU A 518 28.70 9.28 11.58
N ASP A 519 29.07 9.71 12.78
CA ASP A 519 30.33 10.41 13.00
C ASP A 519 30.84 10.00 14.38
N VAL A 520 31.96 9.28 14.41
CA VAL A 520 32.50 8.78 15.67
C VAL A 520 32.96 9.97 16.50
N MET A 521 32.25 10.26 17.58
CA MET A 521 32.65 11.33 18.49
C MET A 521 33.74 10.90 19.45
N GLY A 522 34.06 9.62 19.51
CA GLY A 522 35.10 9.11 20.36
C GLY A 522 34.71 7.77 20.94
N VAL A 523 35.51 7.31 21.90
CA VAL A 523 35.28 6.05 22.58
C VAL A 523 35.65 6.25 24.04
N VAL A 524 34.87 5.65 24.94
CA VAL A 524 35.08 5.81 26.38
C VAL A 524 35.74 4.56 26.93
N PRO A 525 37.06 4.51 27.03
CA PRO A 525 37.71 3.31 27.56
C PRO A 525 37.50 3.19 29.07
N LEU A 526 37.75 1.98 29.57
CA LEU A 526 37.66 1.69 30.99
C LEU A 526 39.03 1.35 31.54
N LYS A 527 39.25 1.72 32.80
CA LYS A 527 40.48 1.43 33.53
C LYS A 527 40.09 0.68 34.79
N GLY A 528 39.96 -0.64 34.67
CA GLY A 528 39.50 -1.45 35.78
C GLY A 528 37.99 -1.50 35.84
N GLN A 529 37.39 -0.70 36.74
CA GLN A 529 35.95 -0.62 36.88
C GLN A 529 35.45 0.81 36.77
N ALA A 530 36.24 1.70 36.18
CA ALA A 530 35.87 3.10 36.05
C ALA A 530 36.13 3.58 34.63
N PHE A 531 35.22 4.38 34.10
CA PHE A 531 35.41 4.96 32.78
C PHE A 531 36.57 5.95 32.80
N LEU A 532 37.24 6.06 31.67
CA LEU A 532 38.28 7.04 31.45
C LEU A 532 37.75 8.17 30.59
N PRO A 533 38.48 9.28 30.49
CA PRO A 533 38.03 10.37 29.63
C PRO A 533 37.87 9.93 28.19
N LEU A 534 36.88 10.51 27.52
CA LEU A 534 36.61 10.16 26.14
C LEU A 534 37.85 10.35 25.27
N VAL A 535 38.14 9.35 24.44
CA VAL A 535 39.24 9.43 23.48
C VAL A 535 38.65 9.83 22.14
N PRO A 536 38.69 11.10 21.76
CA PRO A 536 38.04 11.51 20.49
C PRO A 536 38.63 10.82 19.28
N GLU A 537 39.90 10.44 19.32
CA GLU A 537 40.57 9.76 18.21
C GLU A 537 40.96 8.37 18.65
N PRO A 538 40.17 7.34 18.30
CA PRO A 538 40.55 5.98 18.70
C PRO A 538 41.89 5.52 18.14
N ARG A 539 42.39 6.16 17.09
CA ARG A 539 43.68 5.77 16.53
C ARG A 539 44.78 5.80 17.60
N ARG A 540 44.64 6.66 18.60
CA ARG A 540 45.67 6.83 19.61
C ARG A 540 45.54 5.82 20.75
N LEU A 541 44.54 4.95 20.72
CA LEU A 541 44.40 3.95 21.76
C LEU A 541 45.61 3.03 21.73
N PRO A 542 46.14 2.63 22.89
CA PRO A 542 47.21 1.63 22.89
C PRO A 542 46.70 0.30 22.38
N VAL A 543 47.58 -0.43 21.70
CA VAL A 543 47.19 -1.72 21.12
C VAL A 543 46.77 -2.65 22.21
N GLY A 544 45.48 -2.98 22.24
CA GLY A 544 44.92 -3.79 23.29
C GLY A 544 43.51 -4.22 22.96
N PRO A 545 42.81 -4.78 23.93
CA PRO A 545 41.47 -5.30 23.64
C PRO A 545 40.53 -4.29 23.01
N LEU A 546 40.56 -3.03 23.45
CA LEU A 546 39.61 -2.06 22.93
C LEU A 546 39.90 -1.70 21.49
N LEU A 547 41.17 -1.45 21.16
CA LEU A 547 41.50 -1.08 19.78
C LEU A 547 41.23 -2.24 18.82
N ARG A 548 41.60 -3.46 19.21
CA ARG A 548 41.31 -4.61 18.36
C ARG A 548 39.82 -4.84 18.24
N ALA A 549 39.06 -4.60 19.32
CA ALA A 549 37.61 -4.73 19.24
C ALA A 549 37.03 -3.72 18.27
N LEU A 550 37.52 -2.49 18.31
CA LEU A 550 37.03 -1.48 17.37
C LEU A 550 37.37 -1.84 15.95
N ALA A 551 38.60 -2.30 15.71
CA ALA A 551 39.05 -2.57 14.36
C ALA A 551 38.39 -3.81 13.78
N THR A 552 38.07 -4.80 14.62
CA THR A 552 37.75 -6.14 14.16
C THR A 552 36.31 -6.56 14.38
N CYS A 553 35.60 -5.99 15.35
CA CYS A 553 34.24 -6.42 15.65
C CYS A 553 33.27 -5.75 14.69
N HIS A 554 33.06 -6.38 13.55
CA HIS A 554 32.17 -5.85 12.52
C HIS A 554 31.99 -6.91 11.44
N ALA A 555 31.30 -6.56 10.38
CA ALA A 555 31.03 -7.46 9.26
C ALA A 555 31.38 -6.80 7.94
N LEU A 556 32.45 -6.02 7.93
CA LEU A 556 32.89 -5.39 6.70
C LEU A 556 33.33 -6.44 5.70
N SER A 557 33.29 -6.06 4.42
CA SER A 557 33.76 -6.93 3.35
C SER A 557 34.34 -6.05 2.26
N ARG A 558 35.57 -6.36 1.84
CA ARG A 558 36.17 -5.61 0.74
C ARG A 558 35.48 -6.00 -0.56
N LEU A 559 34.84 -5.02 -1.20
CA LEU A 559 34.13 -5.23 -2.44
C LEU A 559 34.72 -4.31 -3.49
N GLN A 560 35.45 -4.88 -4.45
CA GLN A 560 36.14 -4.11 -5.47
C GLN A 560 37.10 -3.10 -4.84
N ASP A 561 37.91 -3.59 -3.92
CA ASP A 561 38.89 -2.75 -3.23
C ASP A 561 38.23 -1.56 -2.56
N THR A 562 37.07 -1.80 -1.93
CA THR A 562 36.38 -0.73 -1.21
C THR A 562 35.50 -1.38 -0.13
N PRO A 563 35.76 -1.14 1.15
CA PRO A 563 34.95 -1.78 2.19
C PRO A 563 33.50 -1.36 2.09
N VAL A 564 32.60 -2.30 2.43
CA VAL A 564 31.16 -2.06 2.41
C VAL A 564 30.54 -2.79 3.60
N GLY A 565 29.47 -2.21 4.12
CA GLY A 565 28.79 -2.82 5.25
C GLY A 565 28.00 -1.77 6.02
N ASP A 566 27.73 -2.09 7.27
CA ASP A 566 26.95 -1.20 8.11
C ASP A 566 27.64 0.16 8.19
N PRO A 567 26.89 1.28 8.12
CA PRO A 567 27.53 2.57 8.33
C PRO A 567 28.25 2.67 9.67
N MET A 568 27.66 2.10 10.72
CA MET A 568 28.32 2.12 12.02
C MET A 568 29.62 1.36 11.98
N ASP A 569 29.62 0.17 11.39
CA ASP A 569 30.85 -0.60 11.29
C ASP A 569 31.89 0.13 10.45
N LEU A 570 31.46 0.71 9.34
CA LEU A 570 32.38 1.45 8.48
C LEU A 570 33.07 2.57 9.25
N LYS A 571 32.27 3.41 9.91
CA LYS A 571 32.85 4.55 10.63
C LYS A 571 33.70 4.08 11.81
N MET A 572 33.25 3.05 12.52
CA MET A 572 34.02 2.55 13.65
C MET A 572 35.39 2.07 13.21
N VAL A 573 35.44 1.29 12.13
CA VAL A 573 36.72 0.78 11.65
C VAL A 573 37.57 1.90 11.11
N GLU A 574 36.98 2.82 10.36
CA GLU A 574 37.73 3.94 9.80
C GLU A 574 38.33 4.79 10.91
N SER A 575 37.65 4.90 12.04
CA SER A 575 38.15 5.72 13.14
C SER A 575 39.47 5.19 13.67
N THR A 576 39.68 3.87 13.60
CA THR A 576 40.88 3.25 14.15
C THR A 576 42.07 3.30 13.21
N GLY A 577 41.86 3.61 11.94
CA GLY A 577 42.94 3.61 10.98
C GLY A 577 43.38 2.24 10.51
N TRP A 578 42.80 1.17 11.06
CA TRP A 578 43.13 -0.18 10.61
C TRP A 578 42.46 -0.45 9.28
N VAL A 579 43.15 -1.17 8.42
CA VAL A 579 42.74 -1.40 7.03
C VAL A 579 42.39 -2.85 6.84
N LEU A 580 41.20 -3.09 6.29
CA LEU A 580 40.77 -4.45 6.00
C LEU A 580 41.52 -5.00 4.80
N GLU A 581 42.02 -6.21 4.92
CA GLU A 581 42.76 -6.85 3.85
C GLU A 581 42.46 -8.33 3.76
N ASP A 587 40.47 -16.42 7.68
CA ASP A 587 39.18 -15.84 7.29
C ASP A 587 39.39 -14.43 6.74
N SER A 588 39.28 -13.43 7.61
CA SER A 588 39.47 -12.03 7.27
C SER A 588 40.52 -11.41 8.17
N ALA A 589 41.49 -10.73 7.58
CA ALA A 589 42.62 -10.18 8.31
C ALA A 589 42.61 -8.66 8.27
N PHE A 590 43.18 -8.05 9.31
CA PHE A 590 43.28 -6.59 9.42
C PHE A 590 44.73 -6.20 9.61
N GLY A 591 45.14 -5.13 8.93
CA GLY A 591 46.48 -4.61 9.04
C GLY A 591 46.49 -3.37 9.92
N THR A 592 47.39 -3.36 10.90
CA THR A 592 47.52 -2.22 11.78
C THR A 592 47.85 -0.97 11.00
N GLN A 593 47.44 0.18 11.55
CA GLN A 593 47.62 1.44 10.83
C GLN A 593 49.07 1.66 10.44
N VAL A 594 50.00 1.30 11.33
CA VAL A 594 51.42 1.34 10.98
C VAL A 594 52.15 0.28 11.79
N PRO A 614 51.14 -4.11 17.59
CA PRO A 614 50.68 -3.69 16.25
C PRO A 614 50.87 -4.78 15.20
N VAL A 615 50.26 -5.94 15.42
CA VAL A 615 50.36 -7.06 14.50
C VAL A 615 49.01 -7.27 13.83
N PRO A 616 48.96 -7.72 12.57
CA PRO A 616 47.67 -7.93 11.92
C PRO A 616 46.88 -9.02 12.62
N VAL A 617 45.56 -8.87 12.62
CA VAL A 617 44.65 -9.67 13.43
C VAL A 617 43.66 -10.39 12.52
N SER A 618 43.49 -11.68 12.73
CA SER A 618 42.62 -12.51 11.92
C SER A 618 41.30 -12.78 12.65
N VAL A 619 40.22 -12.84 11.87
CA VAL A 619 38.87 -13.02 12.41
C VAL A 619 38.52 -14.50 12.24
N LEU A 620 38.84 -15.31 13.25
CA LEU A 620 38.63 -16.74 13.12
C LEU A 620 37.17 -17.06 12.85
N HIS A 621 36.25 -16.46 13.60
CA HIS A 621 34.83 -16.71 13.44
C HIS A 621 34.06 -15.44 13.72
N ARG A 622 32.84 -15.35 13.20
CA ARG A 622 32.06 -14.12 13.27
C ARG A 622 30.58 -14.44 13.35
N PHE A 623 29.91 -13.93 14.38
CA PHE A 623 28.46 -14.04 14.52
C PHE A 623 27.83 -12.72 14.11
N PRO A 624 26.99 -12.68 13.08
CA PRO A 624 26.56 -11.39 12.55
C PRO A 624 25.55 -10.70 13.44
N PHE A 625 25.26 -9.45 13.10
CA PHE A 625 24.33 -8.62 13.85
C PHE A 625 22.90 -8.98 13.48
N SER A 626 22.05 -9.10 14.50
CA SER A 626 20.62 -9.34 14.28
C SER A 626 19.85 -8.30 15.08
N SER A 627 18.98 -7.55 14.40
CA SER A 627 18.27 -6.47 15.07
C SER A 627 17.52 -7.01 16.29
N ALA A 628 16.97 -8.22 16.20
CA ALA A 628 16.31 -8.83 17.35
C ALA A 628 17.29 -9.01 18.50
N LEU A 629 18.50 -9.50 18.21
CA LEU A 629 19.52 -9.63 19.23
C LEU A 629 20.17 -8.30 19.57
N GLN A 630 20.05 -7.31 18.68
CA GLN A 630 20.67 -5.99 18.86
C GLN A 630 22.06 -6.11 19.47
N ARG A 631 22.87 -6.98 18.88
CA ARG A 631 24.28 -7.09 19.23
C ARG A 631 24.95 -7.97 18.19
N MET A 632 26.26 -8.09 18.32
CA MET A 632 27.07 -8.76 17.30
C MET A 632 28.44 -9.03 17.90
N SER A 633 29.05 -10.14 17.51
CA SER A 633 30.31 -10.57 18.09
C SER A 633 31.15 -11.28 17.07
N VAL A 634 32.45 -11.38 17.38
CA VAL A 634 33.41 -12.09 16.55
C VAL A 634 34.34 -12.89 17.45
N VAL A 635 35.05 -13.84 16.85
CA VAL A 635 36.14 -14.55 17.50
C VAL A 635 37.41 -14.21 16.73
N VAL A 636 38.44 -13.81 17.46
CA VAL A 636 39.59 -13.14 16.88
C VAL A 636 40.87 -13.79 17.38
N ALA A 637 41.90 -13.81 16.53
CA ALA A 637 43.22 -14.25 16.92
C ALA A 637 44.25 -13.51 16.08
N TRP A 638 45.43 -13.34 16.64
CA TRP A 638 46.53 -12.64 15.99
C TRP A 638 47.82 -13.39 16.30
N PRO A 639 48.87 -13.16 15.51
CA PRO A 639 50.14 -13.82 15.81
C PRO A 639 50.61 -13.52 17.22
N GLY A 640 51.10 -14.55 17.90
CA GLY A 640 51.56 -14.40 19.26
C GLY A 640 50.47 -14.46 20.30
N ALA A 641 49.20 -14.63 19.90
CA ALA A 641 48.11 -14.69 20.85
C ALA A 641 48.15 -16.01 21.60
N THR A 642 48.06 -15.93 22.93
CA THR A 642 47.95 -17.15 23.72
C THR A 642 46.69 -17.91 23.37
N GLN A 643 45.57 -17.20 23.19
CA GLN A 643 44.30 -17.82 22.81
C GLN A 643 43.44 -16.75 22.15
N PRO A 644 42.46 -17.15 21.35
CA PRO A 644 41.61 -16.15 20.69
C PRO A 644 40.79 -15.37 21.69
N GLU A 645 40.46 -14.14 21.30
CA GLU A 645 39.56 -13.28 22.06
C GLU A 645 38.28 -13.08 21.28
N ALA A 646 37.16 -13.04 22.00
CA ALA A 646 35.86 -12.79 21.41
C ALA A 646 35.40 -11.40 21.81
N TYR A 647 35.00 -10.59 20.83
CA TYR A 647 34.56 -9.23 21.05
C TYR A 647 33.08 -9.12 20.70
N VAL A 648 32.33 -8.39 21.51
CA VAL A 648 30.90 -8.20 21.32
C VAL A 648 30.63 -6.71 21.23
N LYS A 649 29.73 -6.32 20.33
CA LYS A 649 29.38 -4.93 20.12
C LYS A 649 27.87 -4.84 19.93
N GLY A 650 27.18 -4.22 20.86
CA GLY A 650 25.74 -4.16 20.80
C GLY A 650 25.20 -3.05 21.65
N SER A 651 23.92 -3.14 21.95
CA SER A 651 23.25 -2.12 22.76
C SER A 651 24.00 -1.95 24.07
N PRO A 652 24.29 -0.72 24.51
CA PRO A 652 25.07 -0.57 25.74
C PRO A 652 24.43 -1.26 26.93
N GLU A 653 23.11 -1.21 27.05
CA GLU A 653 22.45 -1.83 28.19
C GLU A 653 22.36 -3.33 28.06
N LEU A 654 22.19 -3.85 26.84
CA LEU A 654 22.17 -5.30 26.65
C LEU A 654 23.56 -5.90 26.86
N VAL A 655 24.58 -5.28 26.26
CA VAL A 655 25.93 -5.82 26.38
C VAL A 655 26.39 -5.76 27.83
N ALA A 656 26.08 -4.67 28.53
CA ALA A 656 26.44 -4.59 29.94
C ALA A 656 25.80 -5.70 30.76
N GLY A 657 24.70 -6.28 30.27
CA GLY A 657 24.13 -7.43 30.95
C GLY A 657 24.95 -8.68 30.78
N LEU A 658 25.61 -8.84 29.63
CA LEU A 658 26.47 -9.99 29.39
C LEU A 658 27.79 -9.89 30.13
N CYS A 659 28.24 -8.69 30.47
CA CYS A 659 29.52 -8.51 31.13
C CYS A 659 29.42 -8.94 32.59
N ASN A 660 30.58 -9.25 33.17
CA ASN A 660 30.62 -9.61 34.58
C ASN A 660 30.24 -8.40 35.43
N PRO A 661 29.46 -8.59 36.49
CA PRO A 661 29.01 -7.42 37.26
C PRO A 661 30.13 -6.58 37.83
N GLU A 662 31.32 -7.14 38.04
CA GLU A 662 32.44 -6.37 38.57
C GLU A 662 33.20 -5.60 37.50
N THR A 663 32.94 -5.88 36.23
CA THR A 663 33.55 -5.14 35.14
C THR A 663 32.77 -3.91 34.73
N VAL A 664 31.45 -3.96 34.85
CA VAL A 664 30.60 -2.82 34.52
C VAL A 664 30.66 -1.82 35.66
N PRO A 665 31.06 -0.57 35.42
CA PRO A 665 31.14 0.40 36.52
C PRO A 665 29.76 0.65 37.13
N THR A 666 29.77 1.02 38.42
CA THR A 666 28.55 1.48 39.05
C THR A 666 28.02 2.75 38.41
N ASP A 667 28.88 3.45 37.67
CA ASP A 667 28.53 4.69 36.98
C ASP A 667 27.94 4.46 35.59
N PHE A 668 27.78 3.20 35.19
CA PHE A 668 27.49 2.92 33.78
C PHE A 668 26.22 3.61 33.32
N ALA A 669 25.14 3.48 34.09
CA ALA A 669 23.87 4.07 33.66
C ALA A 669 23.99 5.58 33.52
N GLN A 670 24.64 6.24 34.48
CA GLN A 670 24.75 7.68 34.46
C GLN A 670 25.61 8.16 33.29
N MET A 671 26.74 7.50 33.03
CA MET A 671 27.58 7.90 31.91
C MET A 671 26.88 7.65 30.58
N LEU A 672 26.25 6.48 30.44
CA LEU A 672 25.54 6.17 29.20
C LEU A 672 24.40 7.15 28.97
N GLN A 673 23.75 7.63 30.03
CA GLN A 673 22.73 8.65 29.86
C GLN A 673 23.34 10.01 29.57
N SER A 674 24.53 10.29 30.10
CA SER A 674 25.18 11.55 29.83
C SER A 674 25.49 11.67 28.34
N TYR A 675 25.96 10.58 27.72
CA TYR A 675 26.22 10.63 26.29
C TYR A 675 24.96 10.43 25.48
N THR A 676 24.00 9.68 26.00
CA THR A 676 22.77 9.38 25.28
C THR A 676 21.75 10.49 25.37
N ALA A 677 21.61 11.11 26.53
CA ALA A 677 20.69 12.23 26.68
C ALA A 677 21.14 13.45 25.90
N ALA A 678 22.37 13.46 25.39
CA ALA A 678 22.86 14.53 24.53
C ALA A 678 22.58 14.27 23.06
N GLY A 679 21.92 13.17 22.72
CA GLY A 679 21.54 12.88 21.35
C GLY A 679 22.47 11.97 20.60
N TYR A 680 23.46 11.37 21.26
CA TYR A 680 24.41 10.50 20.58
C TYR A 680 23.85 9.08 20.47
N ARG A 681 24.51 8.29 19.62
CA ARG A 681 24.13 6.90 19.37
C ARG A 681 25.26 6.03 19.88
N VAL A 682 25.05 5.36 21.01
CA VAL A 682 26.11 4.69 21.75
C VAL A 682 25.93 3.18 21.64
N VAL A 683 27.04 2.48 21.40
CA VAL A 683 27.09 1.02 21.48
C VAL A 683 28.28 0.65 22.35
N ALA A 684 28.12 -0.41 23.13
CA ALA A 684 29.17 -0.86 24.03
C ALA A 684 29.98 -1.97 23.38
N LEU A 685 31.24 -2.07 23.82
CA LEU A 685 32.16 -3.09 23.35
C LEU A 685 32.64 -3.89 24.55
N ALA A 686 32.53 -5.21 24.47
CA ALA A 686 32.93 -6.10 25.55
C ALA A 686 33.70 -7.27 24.96
N SER A 687 34.54 -7.90 25.80
CA SER A 687 35.41 -8.96 25.34
C SER A 687 35.59 -9.99 26.44
N LYS A 688 36.04 -11.18 26.02
CA LYS A 688 36.38 -12.26 26.93
C LYS A 688 37.42 -13.11 26.24
N PRO A 689 38.50 -13.51 26.91
CA PRO A 689 39.44 -14.46 26.30
C PRO A 689 38.80 -15.83 26.15
N LEU A 690 39.01 -16.45 24.99
CA LEU A 690 38.48 -17.77 24.72
C LEU A 690 39.59 -18.79 24.89
N PRO A 691 39.52 -19.68 25.87
CA PRO A 691 40.64 -20.61 26.12
C PRO A 691 40.84 -21.65 25.02
N THR A 692 40.05 -21.62 23.96
CA THR A 692 40.20 -22.58 22.88
C THR A 692 41.54 -22.31 22.16
N VAL A 693 42.10 -23.38 21.59
CA VAL A 693 43.34 -23.23 20.81
C VAL A 693 43.07 -22.37 19.58
N PRO A 694 43.90 -21.37 19.28
CA PRO A 694 43.58 -20.49 18.13
C PRO A 694 43.75 -21.17 16.79
N SER A 695 42.63 -21.47 16.13
CA SER A 695 42.64 -22.06 14.80
C SER A 695 41.21 -22.09 14.29
N LEU A 696 41.06 -22.03 12.97
CA LEU A 696 39.72 -22.04 12.38
C LEU A 696 38.97 -23.31 12.73
N GLU A 697 39.68 -24.40 13.01
CA GLU A 697 39.02 -25.66 13.30
C GLU A 697 38.06 -25.54 14.48
N ALA A 698 38.59 -25.24 15.66
CA ALA A 698 37.75 -25.11 16.84
C ALA A 698 37.01 -23.78 16.85
N ALA A 699 37.67 -22.69 16.43
CA ALA A 699 37.06 -21.37 16.50
C ALA A 699 35.84 -21.23 15.61
N GLN A 700 35.76 -22.00 14.53
CA GLN A 700 34.62 -21.94 13.63
C GLN A 700 33.44 -22.77 14.12
N GLN A 701 33.62 -23.56 15.17
CA GLN A 701 32.54 -24.40 15.70
C GLN A 701 31.88 -23.79 16.92
N LEU A 702 32.33 -22.61 17.36
CA LEU A 702 31.78 -22.00 18.57
C LEU A 702 30.30 -21.73 18.39
N THR A 703 29.54 -21.96 19.46
CA THR A 703 28.14 -21.57 19.53
C THR A 703 28.00 -20.15 20.02
N ARG A 704 27.15 -19.38 19.36
CA ARG A 704 27.06 -17.95 19.65
C ARG A 704 26.86 -17.69 21.13
N ASP A 705 25.94 -18.43 21.75
CA ASP A 705 25.66 -18.22 23.17
C ASP A 705 26.89 -18.47 24.02
N THR A 706 27.74 -19.42 23.64
CA THR A 706 28.97 -19.66 24.38
C THR A 706 29.84 -18.42 24.39
N VAL A 707 29.77 -17.61 23.33
CA VAL A 707 30.64 -16.44 23.21
C VAL A 707 30.00 -15.22 23.86
N GLU A 708 28.69 -15.05 23.68
CA GLU A 708 28.06 -13.79 24.07
C GLU A 708 28.16 -13.55 25.57
N GLY A 709 27.95 -14.59 26.37
CA GLY A 709 27.88 -14.40 27.80
C GLY A 709 29.25 -14.21 28.45
N ASP A 710 29.22 -13.68 29.67
CA ASP A 710 30.39 -13.59 30.53
C ASP A 710 31.51 -12.79 29.87
N LEU A 711 31.18 -11.60 29.39
CA LEU A 711 32.14 -10.73 28.74
C LEU A 711 32.83 -9.86 29.78
N SER A 712 33.58 -8.87 29.32
CA SER A 712 34.25 -7.90 30.18
C SER A 712 34.20 -6.56 29.46
N LEU A 713 33.34 -5.66 29.95
CA LEU A 713 33.09 -4.40 29.25
C LEU A 713 34.40 -3.67 28.97
N LEU A 714 34.57 -3.25 27.72
CA LEU A 714 35.77 -2.56 27.28
C LEU A 714 35.58 -1.07 27.14
N GLY A 715 34.45 -0.63 26.62
CA GLY A 715 34.22 0.79 26.45
C GLY A 715 32.90 1.05 25.76
N LEU A 716 32.59 2.33 25.62
CA LEU A 716 31.40 2.80 24.92
C LEU A 716 31.84 3.57 23.68
N LEU A 717 31.27 3.24 22.54
CA LEU A 717 31.55 3.94 21.29
C LEU A 717 30.42 4.92 21.04
N VAL A 718 30.72 6.21 21.19
CA VAL A 718 29.72 7.26 21.04
C VAL A 718 29.77 7.80 19.61
N MET A 719 28.64 7.79 18.93
CA MET A 719 28.54 8.25 17.56
C MET A 719 27.47 9.31 17.47
N ARG A 720 27.62 10.20 16.50
CA ARG A 720 26.78 11.37 16.35
C ARG A 720 25.95 11.23 15.09
N ASN A 721 24.71 10.78 15.24
CA ASN A 721 23.77 10.68 14.13
C ASN A 721 22.87 11.91 14.14
N LEU A 722 22.84 12.63 13.03
CA LEU A 722 22.18 13.92 12.96
C LEU A 722 20.78 13.81 12.38
N LEU A 723 19.91 14.71 12.81
CA LEU A 723 18.57 14.81 12.27
C LEU A 723 18.61 15.32 10.84
N LYS A 724 17.83 14.72 9.96
CA LYS A 724 17.79 15.17 8.58
C LYS A 724 17.25 16.61 8.53
N PRO A 725 17.75 17.45 7.63
CA PRO A 725 17.23 18.82 7.57
C PRO A 725 15.75 18.89 7.28
N GLN A 726 15.20 17.95 6.50
CA GLN A 726 13.81 17.99 6.11
C GLN A 726 12.87 17.39 7.16
N THR A 727 13.41 16.80 8.22
CA THR A 727 12.57 16.07 9.16
C THR A 727 11.74 17.01 10.02
N THR A 728 12.36 18.07 10.55
CA THR A 728 11.64 18.95 11.46
C THR A 728 10.48 19.65 10.78
N PRO A 729 10.64 20.26 9.60
CA PRO A 729 9.46 20.86 8.95
C PRO A 729 8.34 19.87 8.71
N VAL A 730 8.67 18.65 8.29
CA VAL A 730 7.64 17.65 8.02
C VAL A 730 6.91 17.27 9.30
N ILE A 731 7.66 17.05 10.38
CA ILE A 731 7.02 16.66 11.64
C ILE A 731 6.16 17.78 12.17
N GLN A 732 6.62 19.02 12.08
CA GLN A 732 5.82 20.13 12.56
C GLN A 732 4.58 20.35 11.70
N ALA A 733 4.68 20.12 10.39
CA ALA A 733 3.49 20.18 9.55
C ALA A 733 2.50 19.10 9.93
N LEU A 734 2.98 17.88 10.19
CA LEU A 734 2.08 16.80 10.59
C LEU A 734 1.39 17.13 11.91
N ARG A 735 2.15 17.62 12.88
CA ARG A 735 1.58 17.94 14.17
C ARG A 735 0.67 19.16 14.11
N ARG A 736 0.87 20.04 13.14
CA ARG A 736 0.01 21.21 12.99
C ARG A 736 -1.40 20.81 12.57
N THR A 737 -1.54 19.73 11.80
CA THR A 737 -2.84 19.27 11.33
C THR A 737 -3.41 18.14 12.18
N ARG A 738 -2.91 17.98 13.39
CA ARG A 738 -3.45 17.00 14.34
C ARG A 738 -3.37 15.58 13.79
N ILE A 739 -2.23 15.26 13.17
CA ILE A 739 -1.91 13.89 12.79
C ILE A 739 -0.82 13.41 13.74
N ARG A 740 -1.15 12.43 14.56
CA ARG A 740 -0.19 11.97 15.57
C ARG A 740 1.07 11.46 14.90
N ALA A 741 2.21 11.91 15.39
CA ALA A 741 3.51 11.44 14.94
C ALA A 741 4.12 10.60 16.05
N VAL A 742 4.40 9.33 15.76
CA VAL A 742 4.96 8.40 16.72
C VAL A 742 6.28 7.89 16.17
N MET A 743 7.26 7.74 17.05
CA MET A 743 8.57 7.24 16.67
C MET A 743 8.75 5.85 17.25
N VAL A 744 8.96 4.87 16.37
CA VAL A 744 9.16 3.49 16.76
C VAL A 744 10.57 3.13 16.31
N THR A 745 11.47 2.94 17.27
CA THR A 745 12.88 2.70 16.96
C THR A 745 13.44 1.64 17.90
N GLY A 746 14.52 1.01 17.46
CA GLY A 746 15.27 0.08 18.28
C GLY A 746 16.40 0.72 19.05
N ASP A 747 16.52 2.03 19.04
CA ASP A 747 17.64 2.72 19.66
C ASP A 747 17.37 3.00 21.13
N ASN A 748 18.39 3.49 21.81
CA ASN A 748 18.29 3.82 23.23
C ASN A 748 17.08 4.70 23.46
N LEU A 749 16.50 4.62 24.67
CA LEU A 749 15.35 5.44 24.98
C LEU A 749 15.72 6.91 25.08
N GLN A 750 16.85 7.21 25.73
CA GLN A 750 17.24 8.61 25.87
C GLN A 750 17.60 9.23 24.53
N THR A 751 18.32 8.50 23.68
CA THR A 751 18.60 8.99 22.34
C THR A 751 17.32 9.23 21.56
N ALA A 752 16.38 8.29 21.65
CA ALA A 752 15.12 8.45 20.94
C ALA A 752 14.37 9.67 21.44
N VAL A 753 14.33 9.89 22.75
CA VAL A 753 13.62 11.04 23.30
C VAL A 753 14.29 12.33 22.87
N THR A 754 15.62 12.37 22.88
CA THR A 754 16.31 13.57 22.45
C THR A 754 16.02 13.88 20.99
N VAL A 755 16.01 12.85 20.14
CA VAL A 755 15.73 13.06 18.73
C VAL A 755 14.29 13.51 18.54
N ALA A 756 13.36 12.97 19.33
CA ALA A 756 11.97 13.39 19.24
C ALA A 756 11.81 14.83 19.65
N ARG A 757 12.47 15.25 20.73
CA ARG A 757 12.44 16.64 21.13
C ARG A 757 13.06 17.53 20.07
N GLY A 758 14.08 17.03 19.37
CA GLY A 758 14.72 17.83 18.35
C GLY A 758 13.97 17.91 17.03
N CYS A 759 13.11 16.94 16.76
CA CYS A 759 12.36 16.88 15.51
C CYS A 759 10.92 17.34 15.66
N GLY A 760 10.54 17.87 16.81
CA GLY A 760 9.23 18.45 16.98
C GLY A 760 8.14 17.51 17.43
N MET A 761 8.42 16.20 17.55
CA MET A 761 7.40 15.31 18.08
C MET A 761 7.02 15.68 19.51
N VAL A 762 7.93 16.31 20.23
CA VAL A 762 7.67 16.80 21.58
C VAL A 762 8.12 18.26 21.61
N ALA A 763 7.17 19.17 21.46
CA ALA A 763 7.51 20.59 21.51
C ALA A 763 7.99 20.95 22.92
N PRO A 764 8.83 21.98 23.05
CA PRO A 764 9.46 22.23 24.36
C PRO A 764 8.47 22.41 25.48
N GLN A 765 7.32 23.05 25.23
CA GLN A 765 6.37 23.29 26.31
C GLN A 765 5.73 22.00 26.81
N GLU A 766 5.65 20.98 25.97
CA GLU A 766 4.86 19.80 26.28
C GLU A 766 5.61 18.90 27.27
N HIS A 767 4.83 18.08 27.97
CA HIS A 767 5.35 17.16 28.97
C HIS A 767 5.76 15.84 28.31
N LEU A 768 6.55 15.07 29.04
CA LEU A 768 6.96 13.73 28.60
C LEU A 768 7.19 12.89 29.84
N ILE A 769 6.60 11.71 29.87
CA ILE A 769 6.71 10.80 31.01
C ILE A 769 7.21 9.46 30.49
N ILE A 770 8.21 8.91 31.16
CA ILE A 770 8.75 7.61 30.78
C ILE A 770 8.01 6.54 31.55
N VAL A 771 7.34 5.64 30.82
CA VAL A 771 6.64 4.52 31.42
C VAL A 771 7.63 3.36 31.51
N HIS A 772 7.97 2.96 32.73
CA HIS A 772 8.90 1.87 32.97
C HIS A 772 8.17 0.76 33.70
N ALA A 773 8.27 -0.46 33.18
CA ALA A 773 7.58 -1.61 33.72
C ALA A 773 8.60 -2.62 34.24
N THR A 774 8.42 -3.05 35.47
CA THR A 774 9.28 -4.06 36.08
C THR A 774 8.71 -5.45 35.85
N HIS A 775 9.59 -6.39 35.52
CA HIS A 775 9.15 -7.74 35.24
C HIS A 775 8.52 -8.36 36.48
N PRO A 776 7.61 -9.31 36.31
CA PRO A 776 6.95 -9.91 37.48
C PRO A 776 7.86 -10.88 38.21
N GLU A 777 8.87 -10.34 38.88
CA GLU A 777 9.81 -11.19 39.60
C GLU A 777 9.09 -11.98 40.68
N ARG A 778 9.75 -13.04 41.15
CA ARG A 778 9.15 -13.92 42.14
C ARG A 778 8.74 -13.13 43.38
N GLY A 779 7.52 -13.38 43.86
CA GLY A 779 7.01 -12.73 45.05
C GLY A 779 6.25 -11.45 44.81
N GLN A 780 6.15 -10.99 43.56
CA GLN A 780 5.44 -9.77 43.24
C GLN A 780 4.99 -9.81 41.80
N PRO A 781 3.97 -9.04 41.42
CA PRO A 781 3.55 -8.99 40.02
C PRO A 781 4.28 -7.90 39.24
N ALA A 782 4.04 -7.83 37.94
CA ALA A 782 4.61 -6.73 37.16
C ALA A 782 4.05 -5.41 37.64
N SER A 783 4.87 -4.38 37.58
CA SER A 783 4.52 -3.04 38.06
C SER A 783 4.82 -2.00 37.02
N LEU A 784 4.05 -0.92 37.04
CA LEU A 784 4.24 0.24 36.17
C LEU A 784 4.63 1.42 37.04
N GLU A 785 5.78 2.02 36.74
CA GLU A 785 6.23 3.22 37.42
C GLU A 785 6.46 4.31 36.40
N PHE A 786 5.93 5.50 36.67
CA PHE A 786 6.02 6.64 35.77
C PHE A 786 6.99 7.64 36.38
N LEU A 787 8.10 7.87 35.69
CA LEU A 787 9.11 8.82 36.15
C LEU A 787 9.24 9.95 35.13
N PRO A 788 8.65 11.12 35.39
CA PRO A 788 8.71 12.20 34.40
C PRO A 788 10.12 12.73 34.25
N MET A 789 10.41 13.20 33.04
CA MET A 789 11.71 13.75 32.69
C MET A 789 11.55 15.23 32.37
N GLU A 790 12.38 16.06 33.00
CA GLU A 790 12.31 17.50 32.78
C GLU A 790 12.83 17.85 31.39
N SER A 791 12.47 19.04 30.93
CA SER A 791 12.84 19.51 29.61
C SER A 791 14.37 19.66 29.52
N ARG A 814 -1.73 14.63 23.37
CA ARG A 814 -1.74 16.02 22.92
C ARG A 814 -0.62 16.81 23.60
N SER A 815 -0.93 17.39 24.76
CA SER A 815 0.06 18.14 25.51
C SER A 815 0.91 17.27 26.41
N ARG A 816 0.57 15.99 26.55
CA ARG A 816 1.35 15.05 27.36
C ARG A 816 1.63 13.80 26.53
N HIS A 817 2.90 13.45 26.42
CA HIS A 817 3.32 12.26 25.71
C HIS A 817 3.90 11.25 26.69
N LEU A 818 4.08 10.03 26.21
CA LEU A 818 4.71 8.96 26.97
C LEU A 818 5.85 8.37 26.17
N ALA A 819 6.87 7.91 26.88
CA ALA A 819 8.01 7.23 26.29
C ALA A 819 8.21 5.92 27.03
N LEU A 820 8.50 4.86 26.28
CA LEU A 820 8.66 3.55 26.91
C LEU A 820 9.47 2.64 26.00
N SER A 821 10.21 1.73 26.62
CA SER A 821 11.11 0.85 25.91
C SER A 821 10.32 -0.27 25.24
N GLY A 822 11.01 -1.27 24.72
CA GLY A 822 10.38 -2.40 24.10
C GLY A 822 9.97 -3.45 25.11
N PRO A 823 10.88 -3.81 26.02
CA PRO A 823 10.47 -4.71 27.12
C PRO A 823 9.32 -4.15 27.92
N THR A 824 9.30 -2.85 28.15
CA THR A 824 8.18 -2.25 28.87
C THR A 824 6.89 -2.37 28.06
N PHE A 825 6.96 -2.19 26.75
CA PHE A 825 5.78 -2.36 25.91
C PHE A 825 5.28 -3.80 25.99
N GLY A 826 6.19 -4.77 25.94
CA GLY A 826 5.76 -6.16 26.07
C GLY A 826 5.12 -6.45 27.41
N ILE A 827 5.72 -5.93 28.49
CA ILE A 827 5.16 -6.14 29.82
C ILE A 827 3.77 -5.52 29.91
N ILE A 828 3.59 -4.32 29.34
CA ILE A 828 2.29 -3.67 29.38
C ILE A 828 1.27 -4.47 28.61
N VAL A 829 1.65 -4.96 27.43
CA VAL A 829 0.71 -5.71 26.61
C VAL A 829 0.29 -7.00 27.31
N LYS A 830 1.25 -7.70 27.92
CA LYS A 830 0.95 -8.99 28.53
C LYS A 830 0.23 -8.84 29.87
N HIS A 831 0.59 -7.83 30.67
CA HIS A 831 0.17 -7.75 32.06
C HIS A 831 -0.75 -6.59 32.37
N PHE A 832 -0.83 -5.57 31.51
CA PHE A 832 -1.73 -4.44 31.72
C PHE A 832 -2.53 -4.16 30.46
N PRO A 833 -3.35 -5.11 30.01
CA PRO A 833 -4.20 -4.83 28.84
C PRO A 833 -5.22 -3.73 29.10
N LYS A 834 -5.52 -3.44 30.37
CA LYS A 834 -6.47 -2.37 30.67
C LYS A 834 -5.89 -1.01 30.36
N LEU A 835 -4.63 -0.79 30.74
CA LEU A 835 -3.95 0.48 30.51
C LEU A 835 -3.23 0.54 29.17
N LEU A 836 -3.16 -0.57 28.44
CA LEU A 836 -2.49 -0.54 27.14
C LEU A 836 -3.10 0.47 26.20
N PRO A 837 -4.43 0.58 26.05
CA PRO A 837 -4.97 1.61 25.15
C PRO A 837 -4.57 3.01 25.57
N LYS A 838 -4.51 3.29 26.87
CA LYS A 838 -4.11 4.61 27.34
C LYS A 838 -2.64 4.87 27.07
N VAL A 839 -1.82 3.83 27.07
CA VAL A 839 -0.41 3.99 26.71
C VAL A 839 -0.28 4.27 25.22
N LEU A 840 -1.02 3.53 24.40
CA LEU A 840 -0.90 3.68 22.95
C LEU A 840 -1.43 5.03 22.50
N VAL A 841 -2.51 5.51 23.10
CA VAL A 841 -3.14 6.74 22.61
C VAL A 841 -2.20 7.92 22.75
N GLN A 842 -1.53 8.04 23.90
CA GLN A 842 -0.65 9.18 24.18
C GLN A 842 0.81 8.79 24.22
N GLY A 843 1.17 7.63 23.67
CA GLY A 843 2.56 7.24 23.57
C GLY A 843 3.16 7.76 22.28
N THR A 844 4.31 8.40 22.38
CA THR A 844 4.96 9.04 21.25
C THR A 844 6.31 8.45 20.89
N VAL A 845 7.10 8.04 21.87
CA VAL A 845 8.42 7.48 21.63
C VAL A 845 8.40 6.03 22.08
N PHE A 846 8.62 5.12 21.15
CA PHE A 846 8.70 3.69 21.42
C PHE A 846 10.12 3.25 21.07
N ALA A 847 10.96 3.10 22.09
CA ALA A 847 12.37 2.82 21.90
C ALA A 847 12.69 1.37 22.21
N ARG A 848 13.82 0.92 21.69
CA ARG A 848 14.26 -0.46 21.87
C ARG A 848 13.18 -1.45 21.43
N MET A 849 12.53 -1.15 20.31
CA MET A 849 11.52 -2.03 19.74
C MET A 849 12.16 -3.00 18.75
N ALA A 850 11.94 -4.29 18.97
CA ALA A 850 12.32 -5.29 18.00
C ALA A 850 11.34 -5.27 16.83
N PRO A 851 11.75 -5.80 15.67
CA PRO A 851 10.86 -5.74 14.51
C PRO A 851 9.49 -6.34 14.75
N GLU A 852 9.43 -7.50 15.41
CA GLU A 852 8.15 -8.07 15.78
C GLU A 852 7.39 -7.14 16.70
N GLN A 853 8.10 -6.44 17.58
CA GLN A 853 7.45 -5.48 18.47
C GLN A 853 6.90 -4.29 17.67
N LYS A 854 7.61 -3.86 16.63
CA LYS A 854 7.08 -2.79 15.79
C LYS A 854 5.80 -3.23 15.10
N THR A 855 5.78 -4.45 14.56
CA THR A 855 4.58 -4.94 13.89
C THR A 855 3.44 -5.06 14.90
N GLU A 856 3.74 -5.57 16.11
CA GLU A 856 2.72 -5.69 17.14
C GLU A 856 2.17 -4.33 17.53
N LEU A 857 3.03 -3.33 17.65
CA LEU A 857 2.56 -1.99 17.99
C LEU A 857 1.65 -1.44 16.90
N VAL A 858 2.03 -1.63 15.64
CA VAL A 858 1.17 -1.15 14.56
C VAL A 858 -0.19 -1.83 14.63
N CYS A 859 -0.21 -3.14 14.85
CA CYS A 859 -1.48 -3.85 14.94
C CYS A 859 -2.31 -3.36 16.12
N GLU A 860 -1.69 -3.16 17.27
CA GLU A 860 -2.42 -2.68 18.44
C GLU A 860 -3.00 -1.30 18.20
N LEU A 861 -2.23 -0.42 17.55
CA LEU A 861 -2.77 0.89 17.20
C LEU A 861 -3.95 0.76 16.26
N GLN A 862 -3.85 -0.11 15.27
CA GLN A 862 -4.96 -0.29 14.34
C GLN A 862 -6.19 -0.85 15.06
N LYS A 863 -6.00 -1.57 16.16
CA LYS A 863 -7.13 -2.05 16.93
C LYS A 863 -7.92 -0.92 17.58
N LEU A 864 -7.36 0.30 17.62
CA LEU A 864 -8.05 1.47 18.15
C LEU A 864 -8.72 2.28 17.04
N GLN A 865 -9.01 1.67 15.91
CA GLN A 865 -9.57 2.34 14.75
C GLN A 865 -8.67 3.43 14.19
N TYR A 866 -7.40 3.43 14.59
CA TYR A 866 -6.44 4.31 13.95
C TYR A 866 -6.21 3.90 12.51
N CYS A 867 -5.91 4.87 11.66
CA CYS A 867 -5.47 4.62 10.29
C CYS A 867 -3.96 4.82 10.29
N VAL A 868 -3.24 3.78 10.70
CA VAL A 868 -1.81 3.89 10.99
C VAL A 868 -1.03 3.89 9.69
N GLY A 869 -0.12 4.85 9.55
CA GLY A 869 0.88 4.85 8.51
C GLY A 869 2.25 4.64 9.11
N MET A 870 3.11 3.95 8.39
CA MET A 870 4.46 3.63 8.85
C MET A 870 5.45 4.06 7.78
N CYS A 871 6.44 4.85 8.18
CA CYS A 871 7.48 5.35 7.28
C CYS A 871 8.83 4.89 7.81
N GLY A 872 9.29 3.76 7.34
CA GLY A 872 10.59 3.23 7.75
C GLY A 872 11.38 2.77 6.56
N ASP A 873 12.69 2.98 6.62
CA ASP A 873 13.57 2.69 5.50
C ASP A 873 14.26 1.33 5.60
N GLY A 874 14.55 0.87 6.81
CA GLY A 874 15.34 -0.32 6.98
C GLY A 874 14.58 -1.60 6.67
N ALA A 875 15.31 -2.71 6.68
CA ALA A 875 14.71 -4.02 6.51
C ALA A 875 14.05 -4.52 7.77
N ASN A 876 14.40 -3.96 8.93
CA ASN A 876 13.76 -4.34 10.17
C ASN A 876 12.34 -3.83 10.29
N ASP A 877 11.90 -2.98 9.35
CA ASP A 877 10.55 -2.43 9.35
C ASP A 877 9.63 -3.14 8.36
N CYS A 878 10.04 -4.29 7.83
CA CYS A 878 9.21 -4.96 6.83
C CYS A 878 7.86 -5.36 7.39
N GLY A 879 7.86 -5.94 8.60
CA GLY A 879 6.60 -6.34 9.20
C GLY A 879 5.68 -5.17 9.48
N ALA A 880 6.24 -4.07 10.00
CA ALA A 880 5.43 -2.89 10.26
C ALA A 880 4.87 -2.31 8.97
N LEU A 881 5.69 -2.23 7.92
CA LEU A 881 5.22 -1.71 6.65
C LEU A 881 4.11 -2.58 6.07
N LYS A 882 4.23 -3.90 6.20
CA LYS A 882 3.16 -4.78 5.76
C LYS A 882 1.89 -4.53 6.57
N ALA A 883 2.02 -4.43 7.89
CA ALA A 883 0.85 -4.32 8.75
C ALA A 883 0.21 -2.94 8.70
N ALA A 884 1.01 -1.90 8.49
CA ALA A 884 0.49 -0.55 8.49
C ALA A 884 -0.48 -0.34 7.33
N ASP A 885 -1.48 0.51 7.54
CA ASP A 885 -2.41 0.83 6.46
C ASP A 885 -1.67 1.49 5.30
N VAL A 886 -0.68 2.31 5.60
CA VAL A 886 0.13 3.00 4.60
C VAL A 886 1.58 2.82 4.98
N GLY A 887 2.30 1.98 4.24
CA GLY A 887 3.71 1.74 4.51
C GLY A 887 4.59 2.37 3.47
N ILE A 888 5.54 3.21 3.89
CA ILE A 888 6.40 3.95 2.99
C ILE A 888 7.85 3.63 3.35
N SER A 889 8.62 3.22 2.35
CA SER A 889 10.06 3.02 2.50
C SER A 889 10.78 4.08 1.66
N LEU A 890 11.81 4.69 2.23
CA LEU A 890 12.31 5.95 1.71
C LEU A 890 13.23 5.78 0.51
N SER A 891 14.37 5.12 0.71
CA SER A 891 15.39 5.02 -0.33
C SER A 891 15.14 3.74 -1.12
N GLN A 892 14.51 3.87 -2.29
CA GLN A 892 14.16 2.71 -3.10
C GLN A 892 14.42 3.06 -4.57
N ALA A 893 14.16 2.09 -5.43
CA ALA A 893 14.38 2.24 -6.87
C ALA A 893 13.12 2.78 -7.53
N GLU A 894 13.09 2.74 -8.87
CA GLU A 894 11.91 3.17 -9.60
C GLU A 894 10.66 2.44 -9.15
N ALA A 895 10.81 1.20 -8.71
CA ALA A 895 9.71 0.44 -8.15
C ALA A 895 10.29 -0.65 -7.27
N SER A 896 9.44 -1.22 -6.43
CA SER A 896 9.91 -2.26 -5.51
C SER A 896 8.71 -3.06 -5.01
N VAL A 897 9.01 -4.06 -4.19
CA VAL A 897 8.01 -4.93 -3.61
C VAL A 897 7.95 -4.85 -2.10
N VAL A 898 8.87 -4.12 -1.46
CA VAL A 898 9.05 -4.24 -0.02
C VAL A 898 7.78 -3.77 0.70
N SER A 899 7.21 -2.65 0.27
CA SER A 899 6.10 -2.03 0.96
C SER A 899 5.07 -1.53 -0.05
N PRO A 900 3.82 -1.32 0.37
CA PRO A 900 2.83 -0.77 -0.56
C PRO A 900 3.31 0.48 -1.26
N PHE A 901 3.76 1.48 -0.50
CA PHE A 901 4.32 2.70 -1.07
C PHE A 901 5.84 2.65 -0.95
N THR A 902 6.53 3.03 -2.02
CA THR A 902 7.97 3.16 -2.01
C THR A 902 8.34 4.50 -2.64
N SER A 903 9.33 5.15 -2.08
CA SER A 903 9.77 6.46 -2.52
C SER A 903 11.21 6.39 -3.01
N SER A 904 11.62 7.44 -3.69
CA SER A 904 13.00 7.59 -4.15
C SER A 904 13.81 8.59 -3.36
N MET A 905 13.16 9.49 -2.63
CA MET A 905 13.85 10.47 -1.82
C MET A 905 14.20 9.89 -0.46
N ALA A 906 15.31 10.36 0.09
CA ALA A 906 15.79 9.85 1.37
C ALA A 906 15.11 10.49 2.57
N SER A 907 14.37 11.57 2.38
CA SER A 907 13.71 12.27 3.47
C SER A 907 12.32 11.75 3.70
N ILE A 908 11.71 12.17 4.81
CA ILE A 908 10.37 11.74 5.17
C ILE A 908 9.35 12.68 4.53
N GLU A 909 9.81 13.54 3.63
CA GLU A 909 8.90 14.44 2.94
C GLU A 909 7.84 13.68 2.16
N CYS A 910 8.09 12.41 1.82
CA CYS A 910 7.10 11.65 1.08
C CYS A 910 5.81 11.49 1.90
N VAL A 911 5.91 11.48 3.23
CA VAL A 911 4.72 11.32 4.06
C VAL A 911 3.75 12.48 3.87
N PRO A 912 4.14 13.74 4.02
CA PRO A 912 3.21 14.83 3.67
C PRO A 912 2.72 14.77 2.24
N MET A 913 3.57 14.43 1.28
CA MET A 913 3.10 14.33 -0.09
C MET A 913 2.05 13.25 -0.24
N VAL A 914 2.28 12.09 0.37
CA VAL A 914 1.30 11.01 0.28
C VAL A 914 -0.01 11.42 0.92
N ILE A 915 0.05 12.06 2.08
CA ILE A 915 -1.18 12.46 2.77
C ILE A 915 -1.93 13.51 1.96
N ARG A 916 -1.21 14.52 1.46
CA ARG A 916 -1.86 15.56 0.68
C ARG A 916 -2.49 15.00 -0.57
N GLU A 917 -1.79 14.12 -1.28
CA GLU A 917 -2.32 13.59 -2.51
C GLU A 917 -3.45 12.61 -2.26
N GLY A 918 -3.42 11.90 -1.13
CA GLY A 918 -4.55 11.05 -0.77
C GLY A 918 -5.80 11.85 -0.45
N ARG A 919 -5.64 12.96 0.29
CA ARG A 919 -6.77 13.85 0.52
C ARG A 919 -7.30 14.40 -0.79
N CYS A 920 -6.39 14.79 -1.70
CA CYS A 920 -6.82 15.27 -3.00
C CYS A 920 -7.57 14.20 -3.77
N SER A 921 -7.10 12.95 -3.71
CA SER A 921 -7.77 11.88 -4.42
C SER A 921 -9.16 11.63 -3.84
N LEU A 922 -9.29 11.65 -2.52
CA LEU A 922 -10.60 11.47 -1.90
C LEU A 922 -11.56 12.58 -2.32
N ASP A 923 -11.09 13.84 -2.24
CA ASP A 923 -11.93 14.95 -2.64
C ASP A 923 -12.29 14.87 -4.11
N THR A 924 -11.34 14.46 -4.96
CA THR A 924 -11.61 14.37 -6.38
C THR A 924 -12.65 13.30 -6.68
N SER A 925 -12.55 12.15 -6.01
CA SER A 925 -13.53 11.10 -6.26
C SER A 925 -14.91 11.54 -5.77
N PHE A 926 -14.97 12.22 -4.62
CA PHE A 926 -16.25 12.71 -4.14
C PHE A 926 -16.83 13.75 -5.11
N SER A 927 -16.00 14.64 -5.62
CA SER A 927 -16.47 15.64 -6.58
C SER A 927 -16.94 15.00 -7.87
N VAL A 928 -16.25 13.95 -8.32
CA VAL A 928 -16.67 13.27 -9.54
C VAL A 928 -18.00 12.57 -9.35
N PHE A 929 -18.18 11.90 -8.21
CA PHE A 929 -19.47 11.29 -7.92
C PHE A 929 -20.57 12.33 -7.86
N LYS A 930 -20.30 13.46 -7.19
CA LYS A 930 -21.27 14.53 -7.10
C LYS A 930 -21.60 15.08 -8.48
N TYR A 931 -20.60 15.25 -9.32
CA TYR A 931 -20.84 15.77 -10.66
C TYR A 931 -21.65 14.80 -11.49
N MET A 932 -21.37 13.50 -11.40
CA MET A 932 -22.14 12.55 -12.16
C MET A 932 -23.59 12.49 -11.67
N ALA A 933 -23.80 12.61 -10.36
CA ALA A 933 -25.16 12.71 -9.84
C ALA A 933 -25.86 13.93 -10.40
N LEU A 934 -25.18 15.07 -10.35
CA LEU A 934 -25.74 16.33 -10.85
C LEU A 934 -25.94 16.29 -12.36
N TYR A 935 -24.98 15.69 -13.05
CA TYR A 935 -25.06 15.55 -14.50
C TYR A 935 -26.25 14.70 -14.92
N SER A 936 -26.51 13.64 -14.17
CA SER A 936 -27.62 12.75 -14.46
C SER A 936 -28.95 13.42 -14.14
N LEU A 937 -29.11 13.88 -12.92
CA LEU A 937 -30.33 14.55 -12.51
C LEU A 937 -30.68 15.71 -13.44
N THR A 938 -29.68 16.42 -13.97
CA THR A 938 -29.96 17.52 -14.89
C THR A 938 -30.54 16.99 -16.20
N GLN A 939 -29.92 15.95 -16.76
CA GLN A 939 -30.46 15.36 -17.98
C GLN A 939 -31.84 14.79 -17.73
N PHE A 940 -32.04 14.17 -16.58
CA PHE A 940 -33.35 13.65 -16.19
C PHE A 940 -34.38 14.76 -16.17
N ILE A 941 -34.05 15.89 -15.54
CA ILE A 941 -34.98 17.00 -15.45
C ILE A 941 -35.29 17.54 -16.84
N SER A 942 -34.26 17.69 -17.67
CA SER A 942 -34.47 18.20 -19.02
C SER A 942 -35.41 17.31 -19.81
N VAL A 943 -35.18 16.00 -19.75
CA VAL A 943 -36.01 15.07 -20.51
C VAL A 943 -37.42 15.04 -19.97
N LEU A 944 -37.57 15.15 -18.64
CA LEU A 944 -38.92 15.21 -18.07
C LEU A 944 -39.66 16.46 -18.52
N ILE A 945 -38.98 17.60 -18.50
CA ILE A 945 -39.60 18.85 -18.94
C ILE A 945 -40.03 18.74 -20.39
N LEU A 946 -39.21 18.06 -21.21
CA LEU A 946 -39.55 17.94 -22.62
C LEU A 946 -40.66 16.92 -22.85
N TYR A 947 -40.70 15.84 -22.07
CA TYR A 947 -41.81 14.89 -22.16
C TYR A 947 -43.12 15.56 -21.77
N THR A 948 -43.09 16.44 -20.76
CA THR A 948 -44.31 17.08 -20.33
C THR A 948 -45.01 17.83 -21.45
N ILE A 949 -44.28 18.21 -22.49
CA ILE A 949 -44.84 18.89 -23.65
C ILE A 949 -44.74 18.03 -24.90
N ASN A 950 -44.51 16.73 -24.74
CA ASN A 950 -44.49 15.78 -25.85
C ASN A 950 -43.38 16.12 -26.84
N THR A 951 -42.14 16.10 -26.34
CA THR A 951 -40.97 16.20 -27.18
C THR A 951 -39.79 15.65 -26.40
N ASN A 952 -38.71 15.36 -27.12
CA ASN A 952 -37.51 14.77 -26.54
C ASN A 952 -36.33 15.70 -26.81
N LEU A 953 -35.16 15.29 -26.32
CA LEU A 953 -33.98 16.15 -26.42
C LEU A 953 -33.47 16.22 -27.85
N GLY A 954 -33.37 15.07 -28.53
CA GLY A 954 -32.89 15.07 -29.90
C GLY A 954 -31.78 14.09 -30.14
N ASP A 955 -31.60 13.69 -31.39
CA ASP A 955 -30.63 12.64 -31.71
C ASP A 955 -29.20 13.09 -31.45
N LEU A 956 -28.83 14.25 -31.99
CA LEU A 956 -27.46 14.74 -31.86
C LEU A 956 -27.25 15.61 -30.64
N GLN A 957 -28.32 16.17 -30.07
CA GLN A 957 -28.20 16.90 -28.81
C GLN A 957 -27.76 15.97 -27.70
N PHE A 958 -28.30 14.76 -27.66
CA PHE A 958 -27.84 13.77 -26.68
C PHE A 958 -26.37 13.48 -26.85
N LEU A 959 -25.92 13.28 -28.10
CA LEU A 959 -24.51 13.04 -28.35
C LEU A 959 -23.67 14.19 -27.84
N ALA A 960 -24.04 15.42 -28.21
CA ALA A 960 -23.27 16.58 -27.76
C ALA A 960 -23.16 16.58 -26.25
N ILE A 961 -24.30 16.49 -25.56
CA ILE A 961 -24.31 16.63 -24.11
C ILE A 961 -23.49 15.52 -23.45
N ASP A 962 -23.67 14.28 -23.89
CA ASP A 962 -23.04 13.17 -23.19
C ASP A 962 -21.56 13.05 -23.52
N LEU A 963 -21.16 13.33 -24.76
CA LEU A 963 -19.79 13.12 -25.19
C LEU A 963 -18.96 14.40 -25.19
N VAL A 964 -19.39 15.42 -25.95
CA VAL A 964 -18.51 16.56 -26.16
C VAL A 964 -18.35 17.36 -24.88
N ILE A 965 -19.39 17.44 -24.05
CA ILE A 965 -19.36 18.24 -22.85
C ILE A 965 -19.02 17.36 -21.65
N THR A 966 -19.88 16.38 -21.39
CA THR A 966 -19.85 15.70 -20.10
C THR A 966 -18.64 14.80 -19.97
N THR A 967 -18.36 13.98 -20.97
CA THR A 967 -17.19 13.11 -20.90
C THR A 967 -15.91 13.92 -20.78
N THR A 968 -15.76 14.93 -21.63
CA THR A 968 -14.59 15.79 -21.57
C THR A 968 -14.40 16.35 -20.18
N VAL A 969 -15.46 16.95 -19.63
CA VAL A 969 -15.34 17.61 -18.34
C VAL A 969 -15.07 16.59 -17.24
N ALA A 970 -15.74 15.45 -17.28
CA ALA A 970 -15.57 14.45 -16.23
C ALA A 970 -14.17 13.89 -16.21
N VAL A 971 -13.58 13.67 -17.39
CA VAL A 971 -12.21 13.15 -17.42
C VAL A 971 -11.18 14.22 -17.18
N LEU A 972 -11.54 15.51 -17.30
CA LEU A 972 -10.58 16.57 -17.03
C LEU A 972 -10.66 17.12 -15.61
N MET A 973 -11.76 16.90 -14.89
CA MET A 973 -11.83 17.35 -13.50
C MET A 973 -10.68 16.81 -12.68
N SER A 974 -10.42 15.50 -12.81
CA SER A 974 -9.53 14.81 -11.89
C SER A 974 -8.07 15.17 -12.07
N ARG A 975 -7.71 15.88 -13.14
CA ARG A 975 -6.30 16.16 -13.40
C ARG A 975 -5.74 17.20 -12.45
N THR A 976 -6.58 17.95 -11.74
CA THR A 976 -6.10 18.99 -10.86
C THR A 976 -5.36 18.42 -9.67
N GLY A 977 -4.23 19.03 -9.31
CA GLY A 977 -3.35 18.49 -8.32
C GLY A 977 -3.80 18.78 -6.90
N PRO A 978 -3.04 18.23 -5.94
CA PRO A 978 -3.37 18.43 -4.53
C PRO A 978 -2.94 19.80 -4.02
N ALA A 979 -3.56 20.19 -2.91
CA ALA A 979 -3.18 21.43 -2.27
C ALA A 979 -1.73 21.35 -1.80
N LEU A 980 -1.09 22.51 -1.70
CA LEU A 980 0.33 22.57 -1.38
C LEU A 980 0.62 22.43 0.11
N VAL A 981 -0.39 22.54 0.96
CA VAL A 981 -0.23 22.53 2.41
C VAL A 981 -1.31 21.70 3.06
N LEU A 982 -0.94 20.89 4.04
CA LEU A 982 -1.90 20.10 4.78
C LEU A 982 -2.76 21.00 5.67
N GLY A 983 -4.01 20.59 5.86
CA GLY A 983 -4.93 21.33 6.70
C GLY A 983 -5.53 20.43 7.76
N ARG A 984 -6.05 21.06 8.81
CA ARG A 984 -6.55 20.30 9.95
C ARG A 984 -7.81 19.52 9.57
N VAL A 985 -8.69 20.11 8.77
CA VAL A 985 -9.95 19.48 8.40
C VAL A 985 -9.73 18.29 7.51
N ARG A 986 -10.30 17.15 7.88
CA ARG A 986 -10.18 15.94 7.10
C ARG A 986 -11.20 15.93 5.96
N PRO A 987 -10.92 15.21 4.88
CA PRO A 987 -11.90 15.10 3.81
C PRO A 987 -13.12 14.33 4.27
N PRO A 988 -14.30 14.62 3.71
CA PRO A 988 -15.50 13.89 4.13
C PRO A 988 -15.41 12.42 3.76
N GLY A 989 -16.05 11.60 4.58
CA GLY A 989 -16.05 10.17 4.37
C GLY A 989 -17.37 9.62 3.86
N ALA A 990 -18.44 10.36 4.07
CA ALA A 990 -19.79 9.89 3.76
C ALA A 990 -20.32 10.58 2.51
N LEU A 991 -20.83 9.79 1.58
CA LEU A 991 -21.54 10.33 0.42
C LEU A 991 -22.93 10.83 0.79
N LEU A 992 -23.55 10.21 1.80
CA LEU A 992 -24.92 10.51 2.19
C LEU A 992 -24.99 11.64 3.21
N SER A 993 -23.87 12.24 3.58
CA SER A 993 -23.87 13.21 4.65
C SER A 993 -24.81 14.38 4.29
N VAL A 994 -25.30 15.06 5.33
CA VAL A 994 -26.21 16.18 5.11
C VAL A 994 -25.58 17.23 4.21
N PRO A 995 -24.30 17.59 4.37
CA PRO A 995 -23.70 18.55 3.43
C PRO A 995 -23.85 18.14 1.96
N VAL A 996 -23.46 16.93 1.61
CA VAL A 996 -23.49 16.52 0.21
C VAL A 996 -24.91 16.47 -0.31
N LEU A 997 -25.82 15.88 0.48
CA LEU A 997 -27.20 15.75 0.03
C LEU A 997 -27.84 17.11 -0.13
N SER A 998 -27.64 18.02 0.83
CA SER A 998 -28.20 19.35 0.71
C SER A 998 -27.62 20.08 -0.49
N SER A 999 -26.32 19.90 -0.74
CA SER A 999 -25.71 20.54 -1.90
C SER A 999 -26.37 20.05 -3.18
N LEU A 1000 -26.54 18.72 -3.31
CA LEU A 1000 -27.15 18.18 -4.51
C LEU A 1000 -28.58 18.69 -4.69
N LEU A 1001 -29.39 18.63 -3.63
CA LEU A 1001 -30.78 19.05 -3.77
C LEU A 1001 -30.90 20.53 -4.07
N LEU A 1002 -30.08 21.38 -3.44
CA LEU A 1002 -30.16 22.80 -3.74
C LEU A 1002 -29.66 23.10 -5.14
N GLN A 1003 -28.60 22.42 -5.58
CA GLN A 1003 -28.12 22.59 -6.95
C GLN A 1003 -29.20 22.20 -7.94
N MET A 1004 -29.88 21.09 -7.70
CA MET A 1004 -30.92 20.64 -8.62
C MET A 1004 -32.12 21.57 -8.58
N VAL A 1005 -32.43 22.14 -7.42
CA VAL A 1005 -33.50 23.14 -7.35
C VAL A 1005 -33.14 24.33 -8.22
N LEU A 1006 -31.90 24.81 -8.12
CA LEU A 1006 -31.50 25.94 -8.96
C LEU A 1006 -31.54 25.57 -10.44
N VAL A 1007 -31.07 24.37 -10.79
CA VAL A 1007 -31.06 23.94 -12.19
C VAL A 1007 -32.48 23.86 -12.73
N THR A 1008 -33.39 23.23 -11.99
CA THR A 1008 -34.77 23.12 -12.43
C THR A 1008 -35.40 24.50 -12.52
N GLY A 1009 -35.12 25.37 -11.54
CA GLY A 1009 -35.64 26.72 -11.60
C GLY A 1009 -35.21 27.44 -12.86
N VAL A 1010 -33.94 27.32 -13.22
CA VAL A 1010 -33.43 28.01 -14.40
C VAL A 1010 -34.08 27.44 -15.66
N GLN A 1011 -34.13 26.11 -15.78
CA GLN A 1011 -34.69 25.51 -16.99
C GLN A 1011 -36.16 25.86 -17.13
N LEU A 1012 -36.93 25.74 -16.05
CA LEU A 1012 -38.35 26.06 -16.12
C LEU A 1012 -38.59 27.55 -16.32
N GLY A 1013 -37.74 28.39 -15.75
CA GLY A 1013 -37.87 29.82 -15.99
C GLY A 1013 -37.65 30.17 -17.44
N GLY A 1014 -36.62 29.58 -18.06
CA GLY A 1014 -36.44 29.77 -19.49
C GLY A 1014 -37.62 29.26 -20.29
N TYR A 1015 -38.13 28.08 -19.93
CA TYR A 1015 -39.24 27.50 -20.66
C TYR A 1015 -40.48 28.39 -20.60
N PHE A 1016 -40.81 28.88 -19.41
CA PHE A 1016 -41.97 29.75 -19.25
C PHE A 1016 -41.73 31.15 -19.78
N LEU A 1017 -40.47 31.57 -19.89
CA LEU A 1017 -40.16 32.87 -20.46
C LEU A 1017 -40.31 32.85 -21.98
N THR A 1018 -39.94 31.73 -22.62
CA THR A 1018 -40.12 31.67 -24.07
C THR A 1018 -41.59 31.61 -24.46
N LEU A 1019 -42.44 30.99 -23.63
CA LEU A 1019 -43.87 30.99 -23.94
C LEU A 1019 -44.44 32.40 -23.96
N ALA A 1020 -43.83 33.32 -23.23
CA ALA A 1020 -44.35 34.68 -23.14
C ALA A 1020 -44.00 35.54 -24.34
N GLN A 1021 -43.08 35.11 -25.19
CA GLN A 1021 -42.64 35.95 -26.29
C GLN A 1021 -43.70 36.01 -27.39
N PRO A 1022 -43.86 37.16 -28.04
CA PRO A 1022 -44.84 37.23 -29.13
C PRO A 1022 -44.54 36.30 -30.29
N TRP A 1023 -43.26 36.06 -30.58
CA TRP A 1023 -42.89 35.23 -31.72
C TRP A 1023 -42.95 33.74 -31.42
N PHE A 1024 -43.26 33.35 -30.20
CA PHE A 1024 -43.29 31.95 -29.85
C PHE A 1024 -44.35 31.21 -30.67
N VAL A 1025 -43.96 30.06 -31.20
CA VAL A 1025 -44.87 29.18 -31.93
C VAL A 1025 -44.82 27.81 -31.28
N PRO A 1026 -45.89 27.35 -30.64
CA PRO A 1026 -45.82 26.07 -29.92
C PRO A 1026 -45.55 24.91 -30.86
N LEU A 1027 -44.85 23.90 -30.34
CA LEU A 1027 -44.51 22.74 -31.13
C LEU A 1027 -45.75 22.03 -31.64
N ASN A 1028 -45.56 21.12 -32.59
CA ASN A 1028 -46.64 20.30 -33.11
C ASN A 1028 -46.89 19.17 -32.13
N ARG A 1029 -47.96 19.29 -31.34
CA ARG A 1029 -48.23 18.32 -30.29
C ARG A 1029 -48.47 16.93 -30.86
N THR A 1030 -49.22 16.85 -31.95
CA THR A 1030 -49.61 15.55 -32.51
C THR A 1030 -48.40 14.68 -32.82
N VAL A 1031 -47.58 15.12 -33.76
CA VAL A 1031 -46.37 14.37 -34.07
C VAL A 1031 -45.44 14.38 -32.87
N ALA A 1032 -44.83 13.24 -32.58
CA ALA A 1032 -43.95 13.08 -31.44
C ALA A 1032 -42.50 13.15 -31.88
N ALA A 1033 -41.63 13.54 -30.96
CA ALA A 1033 -40.22 13.69 -31.28
C ALA A 1033 -39.64 12.36 -31.74
N PRO A 1034 -38.62 12.37 -32.60
CA PRO A 1034 -37.93 13.56 -33.11
C PRO A 1034 -38.62 14.20 -34.31
N ASP A 1035 -39.85 13.78 -34.61
CA ASP A 1035 -40.57 14.34 -35.74
C ASP A 1035 -40.86 15.82 -35.54
N ASN A 1036 -41.20 16.22 -34.32
CA ASN A 1036 -41.57 17.60 -34.04
C ASN A 1036 -40.37 18.51 -33.79
N LEU A 1037 -39.15 17.99 -33.89
CA LEU A 1037 -37.99 18.84 -33.82
C LEU A 1037 -37.68 19.41 -35.20
N PRO A 1038 -37.15 20.65 -35.29
CA PRO A 1038 -36.82 21.59 -34.23
C PRO A 1038 -38.01 22.39 -33.72
N ASN A 1039 -37.91 22.87 -32.47
CA ASN A 1039 -38.96 23.70 -31.90
C ASN A 1039 -38.32 24.61 -30.84
N TYR A 1040 -39.04 25.67 -30.48
CA TYR A 1040 -38.50 26.65 -29.56
C TYR A 1040 -38.26 26.05 -28.18
N GLU A 1041 -39.19 25.21 -27.70
CA GLU A 1041 -39.05 24.64 -26.36
C GLU A 1041 -37.79 23.81 -26.25
N ASN A 1042 -37.57 22.89 -27.19
CA ASN A 1042 -36.37 22.09 -27.16
C ASN A 1042 -35.13 22.96 -27.26
N THR A 1043 -35.15 23.94 -28.16
CA THR A 1043 -33.99 24.81 -28.32
C THR A 1043 -33.62 25.46 -27.00
N VAL A 1044 -34.59 26.10 -26.35
CA VAL A 1044 -34.32 26.82 -25.11
C VAL A 1044 -33.83 25.85 -24.03
N VAL A 1045 -34.54 24.74 -23.85
CA VAL A 1045 -34.17 23.80 -22.79
C VAL A 1045 -32.79 23.24 -23.02
N PHE A 1046 -32.48 22.88 -24.27
CA PHE A 1046 -31.16 22.34 -24.58
C PHE A 1046 -30.08 23.37 -24.33
N SER A 1047 -30.29 24.62 -24.74
CA SER A 1047 -29.28 25.64 -24.50
C SER A 1047 -29.00 25.78 -23.01
N LEU A 1048 -30.05 25.92 -22.22
CA LEU A 1048 -29.87 26.12 -20.79
C LEU A 1048 -29.19 24.91 -20.15
N SER A 1049 -29.62 23.71 -20.49
CA SER A 1049 -29.03 22.52 -19.89
C SER A 1049 -27.57 22.36 -20.30
N SER A 1050 -27.26 22.64 -21.56
CA SER A 1050 -25.89 22.52 -22.02
C SER A 1050 -24.98 23.47 -21.26
N PHE A 1051 -25.43 24.69 -21.01
CA PHE A 1051 -24.65 25.59 -20.16
C PHE A 1051 -24.56 25.05 -18.73
N GLN A 1052 -25.66 24.49 -18.23
CA GLN A 1052 -25.71 24.06 -16.85
C GLN A 1052 -24.74 22.94 -16.56
N TYR A 1053 -24.46 22.08 -17.53
CA TYR A 1053 -23.49 21.01 -17.28
C TYR A 1053 -22.12 21.59 -16.95
N LEU A 1054 -21.65 22.52 -17.76
CA LEU A 1054 -20.37 23.18 -17.47
C LEU A 1054 -20.45 23.94 -16.16
N ILE A 1055 -21.57 24.62 -15.90
CA ILE A 1055 -21.71 25.39 -14.67
C ILE A 1055 -21.55 24.46 -13.47
N LEU A 1056 -22.23 23.32 -13.48
CA LEU A 1056 -22.15 22.38 -12.36
C LEU A 1056 -20.75 21.81 -12.22
N ALA A 1057 -20.09 21.51 -13.35
CA ALA A 1057 -18.73 21.00 -13.27
C ALA A 1057 -17.80 22.01 -12.61
N ALA A 1058 -17.94 23.29 -12.98
CA ALA A 1058 -17.12 24.31 -12.34
C ALA A 1058 -17.49 24.49 -10.87
N ALA A 1059 -18.76 24.31 -10.52
CA ALA A 1059 -19.19 24.54 -9.15
C ALA A 1059 -18.69 23.44 -8.21
N VAL A 1060 -18.73 22.19 -8.66
CA VAL A 1060 -18.33 21.10 -7.78
C VAL A 1060 -16.82 21.01 -7.61
N SER A 1061 -16.05 21.59 -8.53
CA SER A 1061 -14.59 21.48 -8.51
C SER A 1061 -14.01 22.47 -7.50
N LYS A 1062 -14.11 22.09 -6.23
CA LYS A 1062 -13.57 22.92 -5.15
C LYS A 1062 -12.06 22.81 -5.12
N GLY A 1063 -11.40 23.94 -4.93
CA GLY A 1063 -9.95 23.93 -4.84
C GLY A 1063 -9.46 23.66 -3.44
N ALA A 1064 -9.81 24.52 -2.51
CA ALA A 1064 -9.33 24.38 -1.15
C ALA A 1064 -10.30 23.55 -0.32
N PRO A 1065 -9.83 22.93 0.77
CA PRO A 1065 -8.44 22.90 1.23
C PRO A 1065 -7.64 21.71 0.70
N PHE A 1066 -8.25 20.86 -0.11
CA PHE A 1066 -7.65 19.60 -0.50
C PHE A 1066 -7.08 19.59 -1.91
N ARG A 1067 -7.29 20.63 -2.70
CA ARG A 1067 -6.89 20.62 -4.09
C ARG A 1067 -6.33 21.98 -4.49
N ARG A 1068 -5.70 22.02 -5.65
CA ARG A 1068 -5.32 23.30 -6.22
C ARG A 1068 -6.54 23.96 -6.83
N PRO A 1069 -6.54 25.29 -6.97
CA PRO A 1069 -7.68 25.96 -7.59
C PRO A 1069 -7.99 25.39 -8.97
N LEU A 1070 -9.19 25.68 -9.47
CA LEU A 1070 -9.60 25.13 -10.76
C LEU A 1070 -8.67 25.59 -11.87
N TYR A 1071 -8.29 26.87 -11.87
CA TYR A 1071 -7.57 27.45 -13.00
C TYR A 1071 -6.17 26.87 -13.19
N THR A 1072 -5.61 26.19 -12.18
CA THR A 1072 -4.32 25.55 -12.37
C THR A 1072 -4.41 24.33 -13.26
N ASN A 1073 -5.61 23.80 -13.48
CA ASN A 1073 -5.82 22.68 -14.41
C ASN A 1073 -6.05 23.26 -15.80
N VAL A 1074 -4.93 23.53 -16.49
CA VAL A 1074 -5.02 24.21 -17.78
C VAL A 1074 -5.87 23.41 -18.76
N PRO A 1075 -5.73 22.09 -18.87
CA PRO A 1075 -6.64 21.34 -19.76
C PRO A 1075 -8.11 21.54 -19.39
N PHE A 1076 -8.44 21.39 -18.11
CA PHE A 1076 -9.84 21.52 -17.69
C PHE A 1076 -10.35 22.94 -17.89
N LEU A 1077 -9.53 23.93 -17.55
CA LEU A 1077 -9.94 25.32 -17.74
C LEU A 1077 -10.15 25.63 -19.22
N VAL A 1078 -9.25 25.15 -20.07
CA VAL A 1078 -9.41 25.38 -21.51
C VAL A 1078 -10.65 24.68 -22.03
N ALA A 1079 -10.93 23.48 -21.54
CA ALA A 1079 -12.15 22.78 -21.96
C ALA A 1079 -13.38 23.59 -21.57
N LEU A 1080 -13.43 24.07 -20.33
CA LEU A 1080 -14.57 24.88 -19.91
C LEU A 1080 -14.70 26.11 -20.78
N ALA A 1081 -13.60 26.81 -21.04
CA ALA A 1081 -13.66 28.05 -21.81
C ALA A 1081 -14.11 27.78 -23.23
N LEU A 1082 -13.54 26.77 -23.88
CA LEU A 1082 -13.90 26.47 -25.26
C LEU A 1082 -15.34 26.04 -25.36
N LEU A 1083 -15.79 25.16 -24.47
CA LEU A 1083 -17.16 24.69 -24.54
C LEU A 1083 -18.14 25.82 -24.27
N SER A 1084 -17.83 26.68 -23.30
CA SER A 1084 -18.70 27.82 -23.02
C SER A 1084 -18.76 28.75 -24.22
N SER A 1085 -17.63 28.99 -24.88
CA SER A 1085 -17.64 29.86 -26.04
C SER A 1085 -18.46 29.23 -27.16
N VAL A 1086 -18.33 27.91 -27.36
CA VAL A 1086 -19.09 27.24 -28.42
C VAL A 1086 -20.58 27.32 -28.12
N LEU A 1087 -20.97 27.11 -26.87
CA LEU A 1087 -22.38 27.18 -26.52
C LEU A 1087 -22.93 28.59 -26.68
N VAL A 1088 -22.15 29.59 -26.30
CA VAL A 1088 -22.57 30.97 -26.51
C VAL A 1088 -22.70 31.26 -28.00
N GLY A 1089 -21.82 30.68 -28.82
CA GLY A 1089 -21.97 30.83 -30.25
C GLY A 1089 -23.25 30.21 -30.76
N LEU A 1090 -23.56 29.00 -30.29
CA LEU A 1090 -24.82 28.36 -30.67
C LEU A 1090 -26.00 29.26 -30.33
N VAL A 1091 -26.01 29.81 -29.12
CA VAL A 1091 -27.11 30.68 -28.72
C VAL A 1091 -27.16 31.91 -29.60
N LEU A 1092 -26.01 32.51 -29.90
CA LEU A 1092 -25.94 33.81 -30.56
C LEU A 1092 -25.87 33.69 -32.07
N VAL A 1093 -24.85 33.02 -32.59
CA VAL A 1093 -24.59 33.00 -34.03
C VAL A 1093 -25.70 32.23 -34.73
N PRO A 1094 -26.48 32.85 -35.60
CA PRO A 1094 -27.50 32.09 -36.34
C PRO A 1094 -26.86 31.14 -37.35
N GLY A 1095 -27.50 29.99 -37.53
CA GLY A 1095 -27.07 29.01 -38.49
C GLY A 1095 -25.93 28.12 -38.05
N LEU A 1096 -25.31 28.41 -36.91
CA LEU A 1096 -24.17 27.62 -36.43
C LEU A 1096 -24.70 26.34 -35.81
N LEU A 1097 -24.53 25.22 -36.52
CA LEU A 1097 -24.93 23.90 -36.02
C LEU A 1097 -26.42 23.83 -35.69
N GLN A 1098 -27.22 24.75 -36.22
CA GLN A 1098 -28.65 24.71 -35.95
C GLN A 1098 -29.36 23.66 -36.78
N GLY A 1099 -28.73 23.15 -37.83
CA GLY A 1099 -29.28 22.06 -38.59
C GLY A 1099 -28.89 20.73 -38.01
N PRO A 1100 -27.58 20.50 -37.87
CA PRO A 1100 -27.13 19.22 -37.30
C PRO A 1100 -27.71 18.92 -35.93
N LEU A 1101 -27.84 19.93 -35.07
CA LEU A 1101 -28.41 19.72 -33.74
C LEU A 1101 -29.93 19.79 -33.74
N ALA A 1102 -30.55 20.16 -34.86
CA ALA A 1102 -32.00 20.31 -34.93
C ALA A 1102 -32.46 21.40 -33.95
N LEU A 1103 -31.82 22.56 -34.03
CA LEU A 1103 -32.15 23.69 -33.19
C LEU A 1103 -32.93 24.72 -34.00
N ARG A 1104 -34.02 25.20 -33.43
CA ARG A 1104 -34.81 26.25 -34.08
C ARG A 1104 -34.13 27.60 -33.88
N ASN A 1105 -34.12 28.40 -34.92
CA ASN A 1105 -33.50 29.73 -34.86
C ASN A 1105 -34.44 30.71 -34.19
N ILE A 1106 -33.88 31.54 -33.32
CA ILE A 1106 -34.63 32.54 -32.58
C ILE A 1106 -34.20 33.90 -33.13
N THR A 1107 -35.06 34.50 -33.97
CA THR A 1107 -34.70 35.76 -34.61
C THR A 1107 -34.44 36.85 -33.58
N ASP A 1108 -35.28 36.94 -32.56
CA ASP A 1108 -35.12 37.97 -31.55
C ASP A 1108 -33.75 37.85 -30.89
N THR A 1109 -33.06 38.98 -30.78
CA THR A 1109 -31.76 39.03 -30.13
C THR A 1109 -31.84 39.42 -28.67
N GLY A 1110 -32.83 40.25 -28.30
CA GLY A 1110 -33.02 40.55 -26.89
C GLY A 1110 -33.29 39.31 -26.07
N PHE A 1111 -34.10 38.38 -26.62
CA PHE A 1111 -34.36 37.13 -25.91
C PHE A 1111 -33.11 36.26 -25.86
N LYS A 1112 -32.27 36.31 -26.89
CA LYS A 1112 -30.99 35.61 -26.83
C LYS A 1112 -30.14 36.13 -25.68
N LEU A 1113 -30.03 37.45 -25.57
CA LEU A 1113 -29.29 38.04 -24.46
C LEU A 1113 -29.95 37.72 -23.13
N LEU A 1114 -31.27 37.55 -23.12
CA LEU A 1114 -31.95 37.19 -21.89
C LEU A 1114 -31.65 35.76 -21.48
N LEU A 1115 -31.56 34.85 -22.47
CA LEU A 1115 -31.10 33.50 -22.17
C LEU A 1115 -29.69 33.51 -21.63
N LEU A 1116 -28.80 34.31 -22.22
CA LEU A 1116 -27.44 34.40 -21.72
C LEU A 1116 -27.43 34.98 -20.30
N GLY A 1117 -28.30 35.95 -20.04
CA GLY A 1117 -28.39 36.51 -18.69
C GLY A 1117 -28.88 35.50 -17.69
N LEU A 1118 -29.85 34.67 -18.07
CA LEU A 1118 -30.30 33.60 -17.20
C LEU A 1118 -29.18 32.59 -16.93
N VAL A 1119 -28.40 32.27 -17.96
CA VAL A 1119 -27.29 31.36 -17.79
C VAL A 1119 -26.25 31.95 -16.83
N THR A 1120 -25.94 33.23 -17.01
CA THR A 1120 -25.00 33.90 -16.10
C THR A 1120 -25.53 33.97 -14.69
N LEU A 1121 -26.83 34.21 -14.54
CA LEU A 1121 -27.44 34.18 -13.22
C LEU A 1121 -27.27 32.83 -12.56
N ASN A 1122 -27.48 31.75 -13.32
CA ASN A 1122 -27.25 30.42 -12.77
C ASN A 1122 -25.79 30.21 -12.44
N PHE A 1123 -24.89 30.70 -13.28
CA PHE A 1123 -23.46 30.54 -13.04
C PHE A 1123 -23.06 31.19 -11.72
N VAL A 1124 -23.56 32.39 -11.47
CA VAL A 1124 -23.30 33.06 -10.20
C VAL A 1124 -23.98 32.36 -9.05
N GLY A 1125 -25.22 31.94 -9.25
CA GLY A 1125 -25.99 31.36 -8.16
C GLY A 1125 -25.42 30.06 -7.67
N ALA A 1126 -24.95 29.21 -8.58
CA ALA A 1126 -24.39 27.94 -8.16
C ALA A 1126 -23.17 28.15 -7.28
N PHE A 1127 -22.27 29.05 -7.68
CA PHE A 1127 -21.07 29.31 -6.89
C PHE A 1127 -21.41 29.94 -5.55
N MET A 1128 -22.32 30.92 -5.55
CA MET A 1128 -22.71 31.54 -4.28
C MET A 1128 -23.34 30.52 -3.35
N LEU A 1129 -24.19 29.65 -3.89
CA LEU A 1129 -24.83 28.63 -3.07
C LEU A 1129 -23.80 27.65 -2.50
N GLU A 1130 -22.85 27.24 -3.32
CA GLU A 1130 -21.81 26.34 -2.85
C GLU A 1130 -21.00 26.99 -1.73
N SER A 1131 -20.61 28.25 -1.92
CA SER A 1131 -19.85 28.94 -0.88
C SER A 1131 -20.65 29.07 0.40
N VAL A 1132 -21.92 29.49 0.28
CA VAL A 1132 -22.76 29.67 1.46
C VAL A 1132 -22.90 28.37 2.22
N LEU A 1133 -23.16 27.27 1.50
CA LEU A 1133 -23.25 25.98 2.15
C LEU A 1133 -21.93 25.64 2.83
N ASP A 1134 -20.85 25.56 2.06
CA ASP A 1134 -19.58 25.11 2.62
C ASP A 1134 -19.11 25.97 3.77
N GLN A 1135 -19.58 27.21 3.88
CA GLN A 1135 -19.18 28.06 4.98
C GLN A 1135 -20.11 27.91 6.19
N CYS A 1136 -21.41 28.11 6.00
CA CYS A 1136 -22.35 28.26 7.10
C CYS A 1136 -23.14 27.00 7.41
N LEU A 1137 -22.89 25.89 6.72
CA LEU A 1137 -23.60 24.66 7.03
C LEU A 1137 -22.99 23.94 8.22
N PRO A 1138 -21.66 23.76 8.25
CA PRO A 1138 -21.08 23.04 9.40
C PRO A 1138 -21.37 23.71 10.73
N ALA A 1139 -21.32 25.04 10.78
CA ALA A 1139 -21.61 25.74 12.02
C ALA A 1139 -23.05 25.50 12.45
N CYS A 1140 -23.99 25.60 11.51
CA CYS A 1140 -25.39 25.35 11.84
C CYS A 1140 -25.60 23.92 12.31
N LEU A 1141 -24.96 22.96 11.66
CA LEU A 1141 -25.10 21.57 12.05
C LEU A 1141 -24.56 21.34 13.45
N ARG A 1142 -23.40 21.90 13.76
CA ARG A 1142 -22.86 21.79 15.10
C ARG A 1142 -23.77 22.40 16.14
N ARG A 1143 -24.22 23.63 15.89
CA ARG A 1143 -25.07 24.33 16.85
C ARG A 1143 -26.45 23.68 16.95
N LEU A 1144 -26.83 22.84 16.00
CA LEU A 1144 -28.14 22.19 16.00
C LEU A 1144 -28.11 20.84 16.67
N ARG A 1145 -27.30 19.92 16.15
CA ARG A 1145 -27.24 18.55 16.64
C ARG A 1145 -25.77 18.16 16.85
N PRO A 1146 -25.13 18.72 17.86
CA PRO A 1146 -23.73 18.36 18.12
C PRO A 1146 -23.59 16.87 18.42
N LYS A 1147 -22.51 16.28 17.92
CA LYS A 1147 -22.27 14.87 18.13
C LYS A 1147 -21.91 14.61 19.59
N ARG A 1148 -22.59 13.64 20.21
CA ARG A 1148 -22.29 13.32 21.60
C ARG A 1148 -20.86 12.79 21.74
N ALA A 1149 -20.43 11.95 20.80
CA ALA A 1149 -19.10 11.37 20.85
C ALA A 1149 -18.77 10.85 19.44
N SER A 1150 -17.66 10.13 19.33
CA SER A 1150 -17.25 9.51 18.09
C SER A 1150 -17.05 8.01 18.30
N LYS A 1151 -17.47 7.22 17.32
CA LYS A 1151 -17.35 5.78 17.43
C LYS A 1151 -15.90 5.32 17.49
N LYS A 1152 -14.97 6.15 17.03
CA LYS A 1152 -13.55 5.77 17.07
C LYS A 1152 -13.13 5.50 18.51
N ARG A 1153 -12.50 4.35 18.72
CA ARG A 1153 -12.07 3.98 20.06
C ARG A 1153 -11.04 4.97 20.59
N PHE A 1154 -10.09 5.37 19.75
CA PHE A 1154 -9.04 6.27 20.20
C PHE A 1154 -9.56 7.65 20.53
N LYS A 1155 -10.60 8.12 19.81
CA LYS A 1155 -11.20 9.41 20.16
C LYS A 1155 -11.89 9.33 21.52
N GLN A 1156 -12.59 8.23 21.77
CA GLN A 1156 -13.19 8.03 23.09
C GLN A 1156 -12.13 8.05 24.17
N LEU A 1157 -11.00 7.37 23.93
CA LEU A 1157 -9.93 7.34 24.91
C LEU A 1157 -9.34 8.73 25.11
N GLU A 1158 -9.19 9.49 24.02
CA GLU A 1158 -8.64 10.84 24.13
C GLU A 1158 -9.54 11.71 25.00
N ARG A 1159 -10.84 11.67 24.76
CA ARG A 1159 -11.76 12.46 25.58
C ARG A 1159 -11.72 12.00 27.03
N GLU A 1160 -11.66 10.68 27.25
CA GLU A 1160 -11.62 10.17 28.62
C GLU A 1160 -10.36 10.63 29.34
N LEU A 1161 -9.22 10.59 28.65
CA LEU A 1161 -7.97 11.05 29.26
C LEU A 1161 -8.02 12.53 29.55
N ALA A 1162 -8.62 13.33 28.66
CA ALA A 1162 -8.78 14.75 28.93
C ALA A 1162 -9.62 14.96 30.18
N GLU A 1163 -10.69 14.18 30.33
CA GLU A 1163 -11.50 14.25 31.54
C GLU A 1163 -10.68 13.85 32.77
N GLN A 1164 -9.88 12.79 32.65
CA GLN A 1164 -9.07 12.31 33.76
C GLN A 1164 -7.75 11.75 33.24
N PRO A 1165 -6.64 12.48 33.41
CA PRO A 1165 -5.35 11.95 32.96
C PRO A 1165 -5.02 10.64 33.66
N TRP A 1166 -4.44 9.70 32.91
CA TRP A 1166 -4.18 8.39 33.49
C TRP A 1166 -3.00 8.43 34.46
N PRO A 1167 -1.81 8.87 34.06
CA PRO A 1167 -0.77 9.12 35.06
C PRO A 1167 -1.08 10.38 35.85
N PRO A 1168 -1.38 10.27 37.16
CA PRO A 1168 -1.80 11.42 37.95
C PRO A 1168 -0.97 12.68 37.70
PB ADP B . 18.65 1.30 15.20
O1B ADP B . 17.77 2.23 14.42
O2B ADP B . 19.03 1.82 16.57
O3B ADP B . 19.79 0.73 14.40
PA ADP B . 18.21 -1.47 15.08
O1A ADP B . 17.18 -2.46 15.55
O2A ADP B . 18.67 -1.45 13.64
O3A ADP B . 17.72 0.01 15.49
O5' ADP B . 19.50 -1.68 16.02
C5' ADP B . 19.31 -1.91 17.42
C4' ADP B . 20.65 -1.83 18.14
O4' ADP B . 21.66 -2.49 17.40
C3' ADP B . 21.13 -0.40 18.33
O3' ADP B . 20.96 0.01 19.70
C2' ADP B . 22.59 -0.39 17.94
O2' ADP B . 23.40 0.01 19.05
C1' ADP B . 22.91 -1.81 17.53
N9 ADP B . 23.70 -1.94 16.26
C8 ADP B . 23.62 -1.18 15.15
N7 ADP B . 24.51 -1.61 14.21
C5 ADP B . 25.17 -2.67 14.71
C6 ADP B . 26.23 -3.61 14.28
N6 ADP B . 26.85 -3.58 13.07
N1 ADP B . 26.61 -4.56 15.15
C2 ADP B . 26.07 -4.69 16.37
N3 ADP B . 25.11 -3.87 16.83
C4 ADP B . 24.63 -2.87 16.07
H5'1 ADP B . 18.88 -2.91 17.57
H5'2 ADP B . 18.62 -1.18 17.82
H4' ADP B . 20.54 -2.29 19.14
H3' ADP B . 20.56 0.27 17.67
HO3' ADP B . 21.15 0.96 19.79
H2' ADP B . 22.73 0.31 17.10
HO2' ADP B . 23.28 0.96 19.22
H1' ADP B . 23.49 -2.28 18.33
H8 ADP B . 22.96 -0.35 15.01
HN61 ADP B . 27.57 -4.25 12.86
HN62 ADP B . 26.61 -2.89 12.40
H2 ADP B . 26.43 -5.48 17.00
AL ALF C . 15.55 2.29 13.73
F1 ALF C . 14.80 2.22 15.34
F2 ALF C . 16.34 2.37 12.11
F3 ALF C . 15.15 0.56 13.47
F4 ALF C . 15.94 4.01 14.00
MG MG D . 16.65 2.88 10.04
MG MG E . 20.28 -0.32 12.33
CAA Y01 F . -15.44 13.61 -28.82
CBA Y01 F . -14.35 14.24 -27.95
CAB Y01 F . -14.61 15.74 -27.85
CAN Y01 F . -14.21 13.57 -26.55
CAJ Y01 F . -12.91 13.85 -25.78
CAO Y01 F . -12.55 12.87 -24.66
CBB Y01 F . -11.12 13.05 -24.11
CAC Y01 F . -10.92 14.42 -23.42
CBE Y01 F . -10.75 11.92 -23.14
CAP Y01 F . -11.14 10.46 -23.50
CAQ Y01 F . -10.22 9.55 -22.70
CBG Y01 F . -9.38 10.58 -21.98
CBI Y01 F . -9.24 11.77 -22.95
CAE Y01 F . -8.42 11.49 -24.27
CAU Y01 F . -8.52 12.93 -22.27
CAS Y01 F . -7.13 12.45 -21.86
CBF Y01 F . -7.23 11.21 -20.97
CBD Y01 F . -8.01 10.07 -21.65
CAK Y01 F . -8.28 8.91 -20.66
CAI Y01 F . -7.17 8.82 -19.66
CAZ Y01 F . -5.97 9.45 -19.73
CAV Y01 F . -4.63 8.96 -19.15
CBH Y01 F . -5.86 10.61 -20.64
CAD Y01 F . -5.26 9.92 -21.90
CAT Y01 F . -4.93 11.63 -20.01
CAR Y01 F . -3.49 11.20 -19.74
CBC Y01 F . -3.40 9.93 -18.85
OAW Y01 F . -2.11 9.36 -19.13
CAY Y01 F . -1.36 8.66 -18.16
OAG Y01 F . -1.94 8.48 -17.10
CAM Y01 F . 0.10 8.12 -18.35
CAL Y01 F . 1.16 8.81 -17.47
CAX Y01 F . 2.32 7.87 -16.92
OAH Y01 F . 2.99 7.22 -17.74
OAF Y01 F . 2.48 7.84 -15.68
HAA1 Y01 F . -15.17 12.80 -29.27
HAA2 Y01 F . -15.76 14.19 -29.54
HAA3 Y01 F . -16.25 13.38 -28.33
HBA Y01 F . -13.51 14.12 -28.43
HAB1 Y01 F . -14.04 16.17 -27.20
HAB2 Y01 F . -15.52 15.97 -27.61
HAB3 Y01 F . -14.44 16.23 -28.68
HAN1 Y01 F . -14.34 12.62 -26.63
HAN2 Y01 F . -14.97 13.85 -25.99
HAJ1 Y01 F . -12.16 13.86 -26.41
HAJ2 Y01 F . -12.92 14.74 -25.40
HAO1 Y01 F . -13.17 12.89 -23.91
HAO2 Y01 F . -12.64 11.96 -24.99
HBB Y01 F . -10.47 12.99 -24.83
HAC1 Y01 F . -10.81 14.41 -22.46
HAC2 Y01 F . -10.14 14.89 -23.73
HAC3 Y01 F . -11.67 15.02 -23.55
HBE Y01 F . -11.12 12.12 -22.27
HAP1 Y01 F . -12.07 10.25 -23.28
HAP2 Y01 F . -11.02 10.30 -24.46
HAQ1 Y01 F . -9.69 8.93 -23.22
HAQ2 Y01 F . -10.62 8.93 -22.08
HBG Y01 F . -9.77 10.79 -21.12
HBD Y01 F . -7.69 9.70 -22.48
HAE1 Y01 F . -8.10 12.30 -24.71
HAE2 Y01 F . -8.87 10.94 -24.94
HAE3 Y01 F . -7.57 11.04 -24.16
HAU1 Y01 F . -8.96 13.30 -21.49
HAU2 Y01 F . -8.38 13.62 -22.94
HAS1 Y01 F . -6.72 13.24 -21.51
HAS2 Y01 F . -6.63 12.25 -22.64
HBF Y01 F . -7.77 11.47 -20.21
HAK1 Y01 F . -9.17 8.99 -20.31
HAK2 Y01 F . -8.43 8.14 -21.25
HAI Y01 F . -7.52 8.38 -18.91
HAV1 Y01 F . -4.83 8.47 -18.33
HAV2 Y01 F . -4.34 8.30 -19.79
HBC Y01 F . -3.46 10.24 -17.93
HAD1 Y01 F . -4.32 9.81 -21.75
HAD2 Y01 F . -5.55 9.00 -22.04
HAD3 Y01 F . -5.35 10.42 -22.73
HAT1 Y01 F . -4.88 12.42 -20.56
HAT2 Y01 F . -5.33 11.94 -19.18
HAR1 Y01 F . -3.03 11.91 -19.28
HAR2 Y01 F . -3.00 11.10 -20.57
HAM1 Y01 F . 0.13 7.18 -18.12
HAM2 Y01 F . 0.41 8.17 -19.27
HAL1 Y01 F . 0.76 9.25 -16.69
HAL2 Y01 F . 1.60 9.53 -17.95
CAA Y01 G . -19.01 21.37 -32.63
CBA Y01 G . -17.61 21.95 -32.86
CAB Y01 G . -17.73 23.22 -33.71
CAN Y01 G . -16.84 22.20 -31.53
CAJ Y01 G . -16.24 20.95 -30.83
CAO Y01 G . -15.36 21.21 -29.58
CBB Y01 G . -14.59 19.97 -29.02
CAC Y01 G . -14.17 18.94 -30.10
CBE Y01 G . -13.38 20.49 -28.22
CAP Y01 G . -13.65 21.70 -27.27
CAQ Y01 G . -12.62 21.64 -26.15
CBG Y01 G . -11.77 20.47 -26.63
CBI Y01 G . -12.77 19.47 -27.24
CAE Y01 G . -13.79 18.83 -26.22
CAU Y01 G . -12.01 18.30 -27.89
CAS Y01 G . -11.12 17.67 -26.84
CBF Y01 G . -10.20 18.68 -26.17
CBD Y01 G . -11.01 19.81 -25.53
CAK Y01 G . -10.10 20.92 -24.97
CAI Y01 G . -9.00 20.30 -24.20
CAZ Y01 G . -8.50 19.06 -24.35
CAV Y01 G . -7.37 18.43 -23.51
CBH Y01 G . -9.35 18.05 -25.06
CAD Y01 G . -10.27 17.61 -23.89
CAT Y01 G . -8.49 16.91 -25.61
CAR Y01 G . -7.48 16.25 -24.66
CBC Y01 G . -6.49 17.27 -24.11
OAW Y01 G . -5.60 16.60 -23.17
CAY Y01 G . -4.53 17.26 -22.55
OAG Y01 G . -4.56 18.47 -22.64
CAM Y01 G . -3.32 16.59 -21.78
CAL Y01 G . -2.00 17.37 -21.88
CAX Y01 G . -0.81 16.90 -20.93
OAH Y01 G . -1.02 15.92 -20.18
OAF Y01 G . 0.27 17.54 -20.99
HAA1 Y01 G . -19.03 20.62 -32.03
HAA2 Y01 G . -19.43 21.04 -33.44
HAA3 Y01 G . -19.65 22.02 -32.28
HBA Y01 G . -17.12 21.30 -33.39
HAB1 Y01 G . -16.88 23.66 -33.89
HAB2 Y01 G . -18.31 23.91 -33.32
HAB3 Y01 G . -18.11 23.07 -34.60
HAN1 Y01 G . -17.41 22.66 -30.90
HAN2 Y01 G . -16.12 22.84 -31.68
HAJ1 Y01 G . -16.95 20.35 -30.57
HAJ2 Y01 G . -15.71 20.45 -31.47
HAO1 Y01 G . -14.72 21.93 -29.71
HAO2 Y01 G . -15.91 21.57 -28.87
HBB Y01 G . -15.15 19.52 -28.37
HAC1 Y01 G . -13.48 19.23 -30.73
HAC2 Y01 G . -13.82 18.14 -29.75
HAC3 Y01 G . -14.90 18.66 -30.67
HBE Y01 G . -12.68 20.74 -28.84
HAP1 Y01 G . -13.55 22.57 -27.71
HAP2 Y01 G . -14.54 21.66 -26.88
HAQ1 Y01 G . -12.97 21.49 -25.26
HAQ2 Y01 G . -12.08 22.41 -25.98
HBG Y01 G . -11.09 20.81 -27.23
HBD Y01 G . -11.68 19.59 -24.86
HAE1 Y01 G . -14.42 18.22 -26.64
HAE2 Y01 G . -14.28 19.46 -25.67
HAE3 Y01 G . -13.42 18.24 -25.56
HAU1 Y01 G . -11.47 18.52 -28.66
HAU2 Y01 G . -12.67 17.64 -28.11
HAS1 Y01 G . -10.72 16.92 -27.31
HAS2 Y01 G . -11.67 17.24 -26.18
HBF Y01 G . -9.70 19.10 -26.89
HAK1 Y01 G . -9.86 21.51 -25.70
HAK2 Y01 G . -10.70 21.51 -24.50
HAI Y01 G . -8.64 20.97 -23.65
HAV1 Y01 G . -6.79 19.13 -23.21
HAV2 Y01 G . -7.83 18.08 -22.73
HBC Y01 G . -5.99 17.62 -24.87
HAD1 Y01 G . -9.73 17.04 -23.32
HAD2 Y01 G . -10.55 18.31 -23.28
HAD3 Y01 G . -11.03 17.07 -24.14
HAT1 Y01 G . -9.08 16.20 -25.95
HAT2 Y01 G . -8.02 17.23 -26.39
HAR1 Y01 G . -6.99 15.57 -25.15
HAR2 Y01 G . -7.94 15.75 -23.97
HAM1 Y01 G . -3.54 16.50 -20.83
HAM2 Y01 G . -3.15 15.68 -22.07
HAL1 Y01 G . -2.13 18.32 -21.70
HAL2 Y01 G . -1.64 17.35 -22.77
#